data_2ETK
#
_entry.id   2ETK
#
_cell.length_a   181.781
_cell.length_b   181.781
_cell.length_c   91.748
_cell.angle_alpha   90.00
_cell.angle_beta   90.00
_cell.angle_gamma   120.00
#
_symmetry.space_group_name_H-M   'P 31 2 1'
#
loop_
_entity.id
_entity.type
_entity.pdbx_description
1 polymer 'Rho-associated protein kinase 1'
2 non-polymer 1-(1-HYDROXY-5-ISOQUINOLINESULFONYL)HOMOPIPERAZINE
#
_entity_poly.entity_id   1
_entity_poly.type   'polypeptide(L)'
_entity_poly.pdbx_seq_one_letter_code
;GSLHMSFETRFEKMDNLLRDPKSEVNSDCLLDGLDALVYDLDFPALRKNKNIDNFLSRYKDTINKIRDLRMKAEDYEVVK
VIGRGAFGEVQLVRHKSTRKVYAMKLLSKFEMIKRSDSAFFWEERDIMAFANSPWVVQLFYAFQDDRYLYMVMEYMPGGD
LVNLMSNYDVPEKWARFYTAEVVLALDAIHSMGFIHRDVKPDNMLLDKSGHLKLADFGTCMKMNKEGMVRCDTAVGTPDY
ISPEVLKSQGGDGYYGRECDWWSVGVFLYEMLVGDTPFYADSLVGTYSKIMNHKNSLTFPDDNDISKEAKNLICAFLTDR
EVRLGRNGVEEIKRHLFFKNDQWAWETLRDTVAPVVPDLSSDIDTSNFDDLEEDKGEEETFPIPKAFVGNQLPFVGFTYY
SNRRYLSSANPNDNR
;
_entity_poly.pdbx_strand_id   A,B
#
# COMPACT_ATOMS: atom_id res chain seq x y z
N SER A 6 -14.17 -21.26 -0.55
CA SER A 6 -15.22 -20.59 0.28
C SER A 6 -15.06 -19.07 0.28
N PHE A 7 -16.12 -18.37 0.65
CA PHE A 7 -16.13 -16.91 0.71
C PHE A 7 -15.43 -16.37 1.97
N GLU A 8 -15.15 -17.26 2.91
CA GLU A 8 -14.51 -16.89 4.17
C GLU A 8 -13.05 -17.35 4.23
N THR A 9 -12.77 -18.54 3.68
CA THR A 9 -11.42 -19.06 3.58
C THR A 9 -10.53 -18.06 2.84
N ARG A 10 -11.04 -17.54 1.73
CA ARG A 10 -10.34 -16.52 0.94
C ARG A 10 -10.15 -15.21 1.70
N PHE A 11 -11.16 -14.83 2.48
CA PHE A 11 -11.09 -13.64 3.34
C PHE A 11 -10.01 -13.81 4.41
N GLU A 12 -9.90 -15.03 4.93
CA GLU A 12 -8.89 -15.38 5.94
C GLU A 12 -7.49 -15.48 5.34
N LYS A 13 -7.38 -16.15 4.20
CA LYS A 13 -6.10 -16.33 3.49
C LYS A 13 -5.52 -15.01 3.01
N MET A 14 -6.40 -14.07 2.68
CA MET A 14 -6.01 -12.70 2.34
C MET A 14 -5.51 -11.97 3.58
N ASP A 15 -6.14 -12.25 4.72
CA ASP A 15 -5.81 -11.62 5.99
C ASP A 15 -4.51 -12.16 6.57
N ASN A 16 -4.16 -13.40 6.21
CA ASN A 16 -2.88 -13.99 6.56
C ASN A 16 -1.73 -13.34 5.81
N LEU A 17 -2.04 -12.81 4.63
CA LEU A 17 -1.06 -12.13 3.78
C LEU A 17 -0.96 -10.64 4.08
N LEU A 18 -1.96 -10.11 4.80
CA LEU A 18 -1.96 -8.72 5.22
C LEU A 18 -1.34 -8.53 6.60
N ARG A 19 -1.12 -9.63 7.32
CA ARG A 19 -0.57 -9.59 8.67
C ARG A 19 0.82 -10.20 8.82
N ASP A 20 1.03 -11.38 8.22
CA ASP A 20 2.29 -12.12 8.33
C ASP A 20 3.48 -11.18 8.17
N PRO A 21 4.36 -11.12 9.20
CA PRO A 21 5.57 -10.30 9.16
C PRO A 21 6.55 -10.69 8.04
N LYS A 22 6.25 -11.80 7.36
CA LYS A 22 7.10 -12.30 6.28
C LYS A 22 6.39 -12.32 4.93
N SER A 23 5.19 -11.75 4.88
CA SER A 23 4.44 -11.64 3.63
C SER A 23 4.96 -10.46 2.82
N GLU A 24 5.16 -10.68 1.52
CA GLU A 24 5.61 -9.64 0.60
C GLU A 24 4.50 -8.61 0.33
N VAL A 25 3.30 -8.87 0.84
CA VAL A 25 2.16 -7.97 0.67
C VAL A 25 1.46 -7.63 1.99
N ASN A 26 2.21 -7.57 3.09
CA ASN A 26 1.65 -7.13 4.37
C ASN A 26 1.54 -5.61 4.43
N SER A 27 0.93 -5.11 5.51
CA SER A 27 0.70 -3.67 5.71
C SER A 27 1.96 -2.82 5.49
N ASP A 28 3.12 -3.34 5.90
CA ASP A 28 4.40 -2.67 5.70
C ASP A 28 4.78 -2.52 4.23
N CYS A 29 4.63 -3.62 3.47
CA CYS A 29 5.01 -3.66 2.06
C CYS A 29 4.07 -2.83 1.18
N LEU A 30 2.79 -2.80 1.56
CA LEU A 30 1.77 -2.05 0.82
C LEU A 30 1.90 -0.54 1.04
N LEU A 31 2.13 -0.15 2.29
CA LEU A 31 2.38 1.26 2.63
C LEU A 31 3.67 1.76 1.98
N ASP A 32 4.61 0.83 1.76
CA ASP A 32 5.85 1.13 1.05
C ASP A 32 5.63 1.28 -0.45
N GLY A 33 4.84 0.37 -1.03
CA GLY A 33 4.55 0.35 -2.47
C GLY A 33 3.93 1.64 -2.96
N LEU A 34 2.97 2.17 -2.18
CA LEU A 34 2.35 3.46 -2.46
C LEU A 34 3.35 4.59 -2.25
N ASP A 35 4.12 4.52 -1.17
CA ASP A 35 5.12 5.52 -0.81
C ASP A 35 6.21 5.65 -1.86
N ALA A 36 6.58 4.52 -2.47
CA ALA A 36 7.60 4.50 -3.52
C ALA A 36 7.12 5.16 -4.80
N LEU A 37 5.86 4.94 -5.14
CA LEU A 37 5.25 5.46 -6.36
C LEU A 37 5.14 7.00 -6.35
N VAL A 38 4.63 7.54 -5.25
CA VAL A 38 4.49 8.98 -5.05
C VAL A 38 5.85 9.69 -5.18
N TYR A 39 6.88 9.09 -4.60
CA TYR A 39 8.25 9.57 -4.72
C TYR A 39 8.78 9.52 -6.15
N ASP A 40 8.47 8.42 -6.85
CA ASP A 40 8.97 8.19 -8.21
C ASP A 40 8.10 8.81 -9.32
N LEU A 41 7.15 9.66 -8.93
CA LEU A 41 6.29 10.34 -9.89
C LEU A 41 6.29 11.86 -9.72
N ASP A 42 6.61 12.33 -8.51
CA ASP A 42 6.58 13.75 -8.18
C ASP A 42 7.77 14.50 -8.80
N PHE A 43 7.79 14.55 -10.13
CA PHE A 43 8.79 15.29 -10.88
C PHE A 43 8.09 16.08 -11.99
N PRO A 44 8.42 17.37 -12.14
CA PRO A 44 7.80 18.27 -13.12
C PRO A 44 7.72 17.71 -14.54
N ALA A 45 8.74 16.95 -14.94
CA ALA A 45 8.79 16.32 -16.27
C ALA A 45 7.79 15.18 -16.40
N LEU A 46 7.38 14.60 -15.27
CA LEU A 46 6.40 13.52 -15.24
C LEU A 46 4.98 14.05 -14.95
N ARG A 47 4.91 15.20 -14.30
CA ARG A 47 3.64 15.88 -14.01
C ARG A 47 2.90 16.33 -15.27
N LYS A 48 3.61 16.30 -16.40
CA LYS A 48 3.03 16.64 -17.70
C LYS A 48 1.95 15.64 -18.12
N ASN A 49 2.14 14.37 -17.75
CA ASN A 49 1.14 13.34 -17.92
C ASN A 49 -0.02 13.59 -16.96
N LYS A 50 -1.23 13.65 -17.51
CA LYS A 50 -2.43 13.96 -16.72
C LYS A 50 -2.72 12.93 -15.62
N ASN A 51 -2.61 11.65 -15.98
CA ASN A 51 -2.80 10.56 -15.03
C ASN A 51 -1.89 10.68 -13.80
N ILE A 52 -0.59 10.82 -14.06
CA ILE A 52 0.42 11.00 -13.02
C ILE A 52 0.15 12.26 -12.18
N ASP A 53 -0.17 13.35 -12.86
CA ASP A 53 -0.44 14.64 -12.22
C ASP A 53 -1.68 14.61 -11.32
N ASN A 54 -2.78 14.07 -11.85
CA ASN A 54 -4.03 13.96 -11.10
C ASN A 54 -3.92 13.04 -9.89
N PHE A 55 -3.22 11.92 -10.07
CA PHE A 55 -3.01 10.93 -9.02
C PHE A 55 -2.24 11.51 -7.82
N LEU A 56 -1.20 12.28 -8.12
CA LEU A 56 -0.38 12.92 -7.09
C LEU A 56 -1.16 13.96 -6.28
N SER A 57 -1.99 14.74 -6.97
CA SER A 57 -2.84 15.74 -6.32
C SER A 57 -4.00 15.10 -5.57
N ARG A 58 -4.46 13.94 -6.08
CA ARG A 58 -5.51 13.17 -5.43
C ARG A 58 -5.02 12.56 -4.12
N TYR A 59 -3.73 12.23 -4.07
CA TYR A 59 -3.12 11.59 -2.90
C TYR A 59 -2.21 12.50 -2.07
N LYS A 60 -2.03 13.75 -2.53
CA LYS A 60 -1.12 14.71 -1.88
C LYS A 60 -1.35 14.84 -0.37
N ASP A 61 -2.59 15.14 0.02
CA ASP A 61 -2.96 15.31 1.42
C ASP A 61 -2.89 14.00 2.19
N THR A 62 -3.20 12.90 1.50
CA THR A 62 -3.16 11.57 2.07
C THR A 62 -1.73 11.11 2.36
N ILE A 63 -0.86 11.20 1.35
CA ILE A 63 0.53 10.72 1.46
C ILE A 63 1.35 11.45 2.52
N ASN A 64 1.02 12.72 2.76
CA ASN A 64 1.69 13.53 3.79
C ASN A 64 1.32 13.09 5.20
N LYS A 65 0.02 12.83 5.42
CA LYS A 65 -0.49 12.33 6.69
C LYS A 65 0.15 10.98 7.03
N ILE A 66 0.38 10.17 5.99
CA ILE A 66 1.03 8.88 6.12
C ILE A 66 2.49 9.03 6.54
N ARG A 67 3.23 9.87 5.81
CA ARG A 67 4.66 10.11 6.07
C ARG A 67 4.93 10.80 7.41
N ASP A 68 3.89 11.41 7.97
CA ASP A 68 3.97 12.05 9.29
C ASP A 68 3.69 11.04 10.41
N LEU A 69 2.83 10.06 10.13
CA LEU A 69 2.46 9.04 11.12
C LEU A 69 3.47 7.88 11.17
N ARG A 70 3.93 7.45 10.00
CA ARG A 70 4.92 6.37 9.90
C ARG A 70 6.26 6.81 10.49
N MET A 71 7.11 5.84 10.82
CA MET A 71 8.42 6.13 11.38
C MET A 71 9.32 6.81 10.35
N LYS A 72 9.80 8.00 10.71
CA LYS A 72 10.67 8.80 9.85
C LYS A 72 11.97 9.17 10.57
N ALA A 73 12.89 9.80 9.83
CA ALA A 73 14.22 10.13 10.33
C ALA A 73 14.22 11.15 11.47
N GLU A 74 13.36 12.17 11.37
CA GLU A 74 13.31 13.23 12.39
C GLU A 74 12.62 12.81 13.70
N ASP A 75 12.19 11.56 13.77
CA ASP A 75 11.67 10.98 15.01
C ASP A 75 12.80 10.65 15.97
N TYR A 76 14.03 10.65 15.45
CA TYR A 76 15.21 10.31 16.25
C TYR A 76 16.14 11.51 16.46
N GLU A 77 16.66 11.63 17.67
CA GLU A 77 17.66 12.62 18.02
C GLU A 77 19.04 11.98 17.97
N VAL A 78 19.86 12.41 17.01
CA VAL A 78 21.22 11.89 16.86
C VAL A 78 22.14 12.40 17.98
N VAL A 79 22.73 11.46 18.72
CA VAL A 79 23.63 11.80 19.82
C VAL A 79 25.06 11.96 19.31
N LYS A 80 25.53 10.99 18.53
CA LYS A 80 26.89 10.98 17.99
C LYS A 80 27.04 9.92 16.89
N VAL A 81 27.86 10.21 15.89
CA VAL A 81 28.21 9.25 14.85
C VAL A 81 29.30 8.30 15.38
N ILE A 82 29.06 7.01 15.23
CA ILE A 82 29.96 5.98 15.79
C ILE A 82 30.53 5.00 14.76
N GLY A 83 30.40 5.35 13.48
CA GLY A 83 30.90 4.52 12.38
C GLY A 83 30.45 5.04 11.04
N ARG A 84 31.33 4.97 10.04
CA ARG A 84 31.05 5.53 8.72
C ARG A 84 31.95 4.92 7.63
N GLY A 85 31.47 4.97 6.40
CA GLY A 85 32.24 4.52 5.24
C GLY A 85 31.38 4.04 4.09
N ALA A 86 31.75 2.87 3.57
CA ALA A 86 31.10 2.21 2.41
C ALA A 86 29.80 2.83 1.88
N PHE A 87 28.66 2.39 2.41
CA PHE A 87 27.36 2.79 1.89
C PHE A 87 26.54 3.61 2.88
N GLY A 88 27.20 4.31 3.79
CA GLY A 88 26.54 5.17 4.76
C GLY A 88 27.26 5.30 6.08
N GLU A 89 26.49 5.31 7.17
CA GLU A 89 27.03 5.51 8.52
C GLU A 89 26.13 4.94 9.61
N VAL A 90 26.72 4.65 10.76
CA VAL A 90 25.99 4.20 11.94
C VAL A 90 26.08 5.28 13.03
N GLN A 91 24.94 5.65 13.59
CA GLN A 91 24.87 6.71 14.59
C GLN A 91 24.02 6.35 15.79
N LEU A 92 24.54 6.63 16.98
CA LEU A 92 23.81 6.46 18.23
C LEU A 92 22.67 7.47 18.30
N VAL A 93 21.45 6.96 18.34
CA VAL A 93 20.26 7.82 18.35
C VAL A 93 19.35 7.58 19.56
N ARG A 94 18.65 8.63 19.95
CA ARG A 94 17.63 8.54 20.99
C ARG A 94 16.28 8.91 20.38
N HIS A 95 15.30 8.02 20.51
CA HIS A 95 13.96 8.26 19.99
C HIS A 95 13.29 9.38 20.76
N LYS A 96 13.06 10.51 20.08
CA LYS A 96 12.49 11.72 20.71
C LYS A 96 11.27 11.45 21.58
N SER A 97 10.39 10.55 21.14
CA SER A 97 9.15 10.24 21.85
C SER A 97 9.36 9.27 23.02
N THR A 98 9.92 8.10 22.73
CA THR A 98 10.08 7.04 23.75
C THR A 98 11.34 7.20 24.62
N ARG A 99 12.26 8.06 24.20
CA ARG A 99 13.53 8.31 24.89
C ARG A 99 14.46 7.08 24.92
N LYS A 100 14.10 6.06 24.15
CA LYS A 100 14.89 4.83 24.05
C LYS A 100 16.09 5.03 23.14
N VAL A 101 17.21 4.41 23.50
CA VAL A 101 18.48 4.60 22.81
C VAL A 101 18.77 3.42 21.88
N TYR A 102 19.11 3.74 20.62
CA TYR A 102 19.40 2.73 19.60
C TYR A 102 20.66 3.08 18.80
N ALA A 103 21.11 2.12 18.01
CA ALA A 103 22.13 2.35 17.00
C ALA A 103 21.49 2.24 15.63
N MET A 104 21.38 3.38 14.94
CA MET A 104 20.72 3.45 13.63
C MET A 104 21.73 3.46 12.49
N LYS A 105 21.53 2.56 11.53
CA LYS A 105 22.40 2.43 10.37
C LYS A 105 21.74 3.00 9.13
N LEU A 106 22.41 3.96 8.50
CA LEU A 106 21.92 4.59 7.28
C LEU A 106 22.57 3.97 6.04
N LEU A 107 21.77 3.72 5.02
CA LEU A 107 22.26 3.15 3.76
C LEU A 107 21.83 3.99 2.57
N SER A 108 22.80 4.51 1.83
CA SER A 108 22.54 5.38 0.68
C SER A 108 21.96 4.60 -0.50
N LYS A 109 20.71 4.92 -0.82
CA LYS A 109 19.96 4.27 -1.90
C LYS A 109 20.65 4.43 -3.26
N PHE A 110 21.06 5.67 -3.56
CA PHE A 110 21.75 5.98 -4.81
C PHE A 110 23.11 5.26 -4.89
N GLU A 111 23.80 5.20 -3.77
CA GLU A 111 25.13 4.58 -3.71
C GLU A 111 25.07 3.06 -3.92
N MET A 112 24.04 2.42 -3.34
CA MET A 112 23.86 0.98 -3.49
C MET A 112 23.46 0.59 -4.92
N ILE A 113 22.64 1.43 -5.55
CA ILE A 113 22.23 1.24 -6.94
C ILE A 113 23.40 1.53 -7.90
N LYS A 114 24.33 2.39 -7.47
CA LYS A 114 25.53 2.69 -8.23
C LYS A 114 26.51 1.51 -8.24
N ARG A 115 26.07 0.41 -8.85
CA ARG A 115 26.83 -0.83 -8.98
C ARG A 115 27.29 -1.44 -7.64
N SER A 116 26.41 -2.25 -7.05
CA SER A 116 26.73 -3.01 -5.85
C SER A 116 26.38 -4.49 -6.03
N ASP A 117 25.62 -4.78 -7.09
CA ASP A 117 25.32 -6.13 -7.58
C ASP A 117 24.82 -7.17 -6.56
N SER A 118 24.36 -6.72 -5.39
CA SER A 118 24.01 -7.65 -4.32
C SER A 118 22.55 -7.62 -3.88
N ALA A 119 22.04 -6.42 -3.61
CA ALA A 119 20.79 -6.25 -2.84
C ALA A 119 20.92 -7.00 -1.51
N PHE A 120 22.10 -6.83 -0.90
CA PHE A 120 22.53 -7.57 0.28
C PHE A 120 21.70 -7.30 1.53
N PHE A 121 21.10 -6.11 1.58
CA PHE A 121 20.36 -5.62 2.75
C PHE A 121 19.18 -6.51 3.18
N TRP A 122 18.63 -7.26 2.22
CA TRP A 122 17.52 -8.19 2.50
C TRP A 122 17.94 -9.29 3.47
N GLU A 123 19.13 -9.84 3.26
CA GLU A 123 19.70 -10.88 4.11
C GLU A 123 19.95 -10.37 5.52
N GLU A 124 20.50 -9.15 5.60
CA GLU A 124 20.82 -8.50 6.87
C GLU A 124 19.57 -8.14 7.65
N ARG A 125 18.56 -7.64 6.94
CA ARG A 125 17.27 -7.29 7.54
C ARG A 125 16.55 -8.53 8.07
N ASP A 126 16.64 -9.62 7.32
CA ASP A 126 15.96 -10.87 7.65
C ASP A 126 16.56 -11.55 8.89
N ILE A 127 17.89 -11.57 8.96
CA ILE A 127 18.59 -12.19 10.08
C ILE A 127 18.40 -11.40 11.37
N MET A 128 18.74 -10.11 11.35
CA MET A 128 18.69 -9.27 12.54
C MET A 128 17.27 -9.13 13.14
N ALA A 129 16.24 -9.26 12.31
CA ALA A 129 14.86 -9.10 12.77
C ALA A 129 14.22 -10.41 13.26
N PHE A 130 14.71 -11.54 12.79
CA PHE A 130 14.07 -12.84 13.08
C PHE A 130 14.95 -13.87 13.80
N ALA A 131 16.26 -13.62 13.84
CA ALA A 131 17.21 -14.55 14.45
C ALA A 131 16.81 -14.96 15.87
N ASN A 132 16.31 -13.99 16.63
CA ASN A 132 15.91 -14.18 18.03
C ASN A 132 16.99 -14.89 18.84
N SER A 133 18.23 -14.48 18.61
CA SER A 133 19.40 -15.10 19.24
C SER A 133 20.20 -14.06 20.03
N PRO A 134 20.66 -14.44 21.24
CA PRO A 134 21.52 -13.57 22.04
C PRO A 134 22.90 -13.36 21.42
N TRP A 135 23.18 -14.10 20.34
CA TRP A 135 24.45 -13.99 19.62
C TRP A 135 24.32 -13.08 18.39
N VAL A 136 23.11 -12.62 18.12
CA VAL A 136 22.82 -11.80 16.95
C VAL A 136 22.31 -10.42 17.38
N VAL A 137 22.87 -9.37 16.79
CA VAL A 137 22.39 -8.01 17.02
C VAL A 137 20.97 -7.88 16.49
N GLN A 138 20.06 -7.44 17.36
CA GLN A 138 18.63 -7.43 17.07
C GLN A 138 18.19 -6.17 16.33
N LEU A 139 17.37 -6.36 15.29
CA LEU A 139 16.74 -5.28 14.57
C LEU A 139 15.39 -5.00 15.22
N PHE A 140 15.13 -3.74 15.55
CA PHE A 140 13.85 -3.34 16.15
C PHE A 140 12.93 -2.72 15.10
N TYR A 141 13.43 -1.73 14.38
CA TYR A 141 12.67 -1.05 13.33
C TYR A 141 13.50 -0.86 12.08
N ALA A 142 12.86 -1.02 10.93
CA ALA A 142 13.49 -0.69 9.66
C ALA A 142 12.53 0.18 8.84
N PHE A 143 12.96 1.38 8.50
CA PHE A 143 12.17 2.28 7.68
C PHE A 143 13.01 2.93 6.58
N GLN A 144 12.38 3.78 5.77
CA GLN A 144 13.05 4.37 4.61
C GLN A 144 12.38 5.66 4.13
N ASP A 145 13.08 6.37 3.26
CA ASP A 145 12.52 7.49 2.50
C ASP A 145 12.93 7.36 1.03
N ASP A 146 13.15 8.49 0.36
CA ASP A 146 13.53 8.48 -1.06
C ASP A 146 15.05 8.43 -1.28
N ARG A 147 15.81 8.40 -0.19
CA ARG A 147 17.26 8.58 -0.26
C ARG A 147 18.09 7.61 0.59
N TYR A 148 17.57 7.26 1.77
CA TYR A 148 18.28 6.36 2.68
C TYR A 148 17.42 5.24 3.24
N LEU A 149 18.05 4.09 3.48
CA LEU A 149 17.44 3.01 4.25
C LEU A 149 17.86 3.15 5.71
N TYR A 150 16.98 2.79 6.63
CA TYR A 150 17.23 2.97 8.05
C TYR A 150 17.03 1.67 8.83
N MET A 151 18.10 1.20 9.47
CA MET A 151 18.04 0.01 10.31
C MET A 151 18.28 0.35 11.78
N VAL A 152 17.20 0.33 12.56
CA VAL A 152 17.25 0.68 13.98
C VAL A 152 17.56 -0.58 14.80
N MET A 153 18.85 -0.77 15.08
CA MET A 153 19.34 -1.94 15.82
C MET A 153 19.54 -1.59 17.30
N GLU A 154 19.88 -2.60 18.09
CA GLU A 154 20.25 -2.39 19.49
C GLU A 154 21.66 -1.82 19.57
N TYR A 155 21.88 -0.95 20.55
CA TYR A 155 23.19 -0.33 20.75
C TYR A 155 24.13 -1.27 21.52
N MET A 156 25.35 -1.39 21.00
CA MET A 156 26.39 -2.19 21.63
C MET A 156 27.46 -1.27 22.20
N PRO A 157 27.30 -0.85 23.47
CA PRO A 157 28.18 0.16 24.09
C PRO A 157 29.61 -0.32 24.35
N GLY A 158 29.81 -1.64 24.33
CA GLY A 158 31.13 -2.23 24.58
C GLY A 158 32.11 -2.12 23.42
N GLY A 159 31.61 -1.67 22.27
CA GLY A 159 32.45 -1.51 21.08
C GLY A 159 32.74 -2.82 20.37
N ASP A 160 33.61 -2.77 19.37
CA ASP A 160 33.98 -3.96 18.59
C ASP A 160 35.27 -4.62 19.10
N LEU A 161 35.65 -5.72 18.45
CA LEU A 161 36.85 -6.47 18.85
C LEU A 161 38.14 -5.89 18.29
N VAL A 162 38.04 -5.06 17.24
CA VAL A 162 39.20 -4.34 16.69
C VAL A 162 39.72 -3.35 17.73
N ASN A 163 38.79 -2.63 18.36
CA ASN A 163 39.10 -1.67 19.42
C ASN A 163 39.72 -2.34 20.65
N LEU A 164 39.23 -3.54 20.98
CA LEU A 164 39.72 -4.29 22.13
C LEU A 164 41.14 -4.81 21.93
N MET A 165 41.42 -5.37 20.76
CA MET A 165 42.75 -5.91 20.44
C MET A 165 43.82 -4.82 20.34
N SER A 166 43.39 -3.61 20.00
CA SER A 166 44.30 -2.48 19.84
C SER A 166 44.67 -1.82 21.17
N ASN A 167 43.92 -2.14 22.23
CA ASN A 167 44.15 -1.55 23.54
C ASN A 167 44.61 -2.55 24.60
N TYR A 168 44.64 -3.83 24.24
CA TYR A 168 45.05 -4.90 25.15
C TYR A 168 45.93 -5.93 24.44
N ASP A 169 46.93 -6.42 25.14
CA ASP A 169 47.69 -7.58 24.68
C ASP A 169 46.96 -8.83 25.19
N VAL A 170 46.03 -9.33 24.36
CA VAL A 170 45.08 -10.37 24.74
C VAL A 170 45.74 -11.65 25.26
N PRO A 171 45.44 -12.00 26.54
CA PRO A 171 45.87 -13.28 27.10
C PRO A 171 44.99 -14.43 26.61
N GLU A 172 45.47 -15.67 26.77
CA GLU A 172 44.76 -16.85 26.27
C GLU A 172 43.35 -17.03 26.83
N LYS A 173 43.19 -16.73 28.12
CA LYS A 173 41.90 -16.85 28.81
C LYS A 173 40.82 -16.04 28.10
N TRP A 174 41.19 -14.83 27.69
CA TRP A 174 40.31 -13.93 26.94
C TRP A 174 40.05 -14.47 25.56
N ALA A 175 41.12 -14.86 24.87
CA ALA A 175 41.04 -15.42 23.51
C ALA A 175 40.10 -16.62 23.45
N ARG A 176 40.25 -17.54 24.40
CA ARG A 176 39.39 -18.72 24.51
C ARG A 176 37.92 -18.35 24.66
N PHE A 177 37.65 -17.38 25.52
CA PHE A 177 36.30 -16.86 25.75
C PHE A 177 35.69 -16.30 24.47
N TYR A 178 36.42 -15.38 23.83
CA TYR A 178 35.93 -14.68 22.64
C TYR A 178 35.82 -15.60 21.42
N THR A 179 36.75 -16.55 21.30
CA THR A 179 36.70 -17.56 20.24
C THR A 179 35.46 -18.44 20.41
N ALA A 180 35.20 -18.85 21.65
CA ALA A 180 34.06 -19.72 21.97
C ALA A 180 32.71 -19.03 21.75
N GLU A 181 32.67 -17.73 22.00
CA GLU A 181 31.46 -16.94 21.77
C GLU A 181 31.18 -16.73 20.28
N VAL A 182 32.25 -16.67 19.49
CA VAL A 182 32.16 -16.59 18.03
C VAL A 182 31.68 -17.93 17.45
N VAL A 183 32.28 -19.02 17.95
CA VAL A 183 31.92 -20.38 17.53
C VAL A 183 30.43 -20.64 17.74
N LEU A 184 29.92 -20.26 18.91
CA LEU A 184 28.49 -20.40 19.22
C LEU A 184 27.62 -19.44 18.39
N ALA A 185 28.15 -18.24 18.13
CA ALA A 185 27.45 -17.24 17.34
C ALA A 185 27.30 -17.66 15.87
N LEU A 186 28.38 -18.19 15.31
CA LEU A 186 28.38 -18.68 13.93
C LEU A 186 27.55 -19.95 13.79
N ASP A 187 27.54 -20.79 14.82
CA ASP A 187 26.73 -21.99 14.86
C ASP A 187 25.24 -21.66 14.83
N ALA A 188 24.87 -20.56 15.49
CA ALA A 188 23.50 -20.06 15.48
C ALA A 188 23.10 -19.52 14.10
N ILE A 189 24.05 -18.88 13.43
CA ILE A 189 23.84 -18.37 12.07
C ILE A 189 23.73 -19.51 11.06
N HIS A 190 24.54 -20.55 11.25
CA HIS A 190 24.49 -21.75 10.41
C HIS A 190 23.17 -22.50 10.57
N SER A 191 22.65 -22.53 11.80
CA SER A 191 21.39 -23.19 12.13
C SER A 191 20.20 -22.55 11.43
N MET A 192 20.31 -21.24 11.17
CA MET A 192 19.30 -20.50 10.42
C MET A 192 19.39 -20.81 8.92
N GLY A 193 20.51 -21.38 8.50
CA GLY A 193 20.72 -21.80 7.11
C GLY A 193 21.58 -20.83 6.32
N PHE A 194 22.60 -20.27 6.96
CA PHE A 194 23.46 -19.27 6.33
C PHE A 194 24.95 -19.57 6.50
N ILE A 195 25.74 -19.13 5.52
CA ILE A 195 27.18 -19.04 5.66
C ILE A 195 27.52 -17.55 5.74
N HIS A 196 28.27 -17.17 6.78
CA HIS A 196 28.57 -15.76 7.02
C HIS A 196 29.47 -15.13 5.95
N ARG A 197 30.52 -15.85 5.57
CA ARG A 197 31.43 -15.43 4.48
C ARG A 197 32.33 -14.23 4.78
N ASP A 198 32.07 -13.54 5.90
CA ASP A 198 32.86 -12.38 6.29
C ASP A 198 32.99 -12.25 7.81
N VAL A 199 33.63 -13.26 8.42
CA VAL A 199 33.85 -13.27 9.86
C VAL A 199 35.14 -12.51 10.19
N LYS A 200 34.99 -11.43 10.97
CA LYS A 200 36.12 -10.59 11.37
C LYS A 200 35.78 -9.74 12.61
N PRO A 201 36.80 -9.31 13.37
CA PRO A 201 36.63 -8.48 14.58
C PRO A 201 35.82 -7.20 14.36
N ASP A 202 35.81 -6.70 13.12
CA ASP A 202 35.00 -5.53 12.76
C ASP A 202 33.51 -5.82 12.92
N ASN A 203 33.13 -7.06 12.65
CA ASN A 203 31.74 -7.51 12.71
C ASN A 203 31.33 -8.05 14.09
N MET A 204 32.28 -8.12 15.02
CA MET A 204 32.03 -8.62 16.37
C MET A 204 31.88 -7.47 17.36
N LEU A 205 30.69 -7.36 17.95
CA LEU A 205 30.37 -6.27 18.88
C LEU A 205 30.07 -6.79 20.29
N LEU A 206 30.47 -6.01 21.29
CA LEU A 206 30.24 -6.36 22.69
C LEU A 206 29.11 -5.54 23.30
N ASP A 207 28.28 -6.18 24.12
CA ASP A 207 27.17 -5.51 24.79
C ASP A 207 27.64 -4.78 26.07
N LYS A 208 26.67 -4.30 26.85
CA LYS A 208 26.95 -3.59 28.10
C LYS A 208 27.60 -4.47 29.18
N SER A 209 27.53 -5.79 28.98
CA SER A 209 28.16 -6.75 29.88
C SER A 209 29.50 -7.24 29.33
N GLY A 210 29.74 -6.95 28.05
CA GLY A 210 30.98 -7.35 27.38
C GLY A 210 30.89 -8.70 26.69
N HIS A 211 29.67 -9.11 26.37
CA HIS A 211 29.44 -10.37 25.65
C HIS A 211 29.29 -10.15 24.15
N LEU A 212 29.82 -11.10 23.37
CA LEU A 212 29.92 -10.96 21.92
C LEU A 212 28.60 -11.19 21.19
N LYS A 213 28.39 -10.40 20.14
CA LYS A 213 27.28 -10.56 19.21
C LYS A 213 27.79 -10.31 17.80
N LEU A 214 27.32 -11.10 16.84
CA LEU A 214 27.63 -10.85 15.44
C LEU A 214 26.78 -9.70 14.91
N ALA A 215 27.45 -8.67 14.41
CA ALA A 215 26.79 -7.52 13.80
C ALA A 215 27.19 -7.43 12.33
N ASP A 216 26.29 -6.87 11.52
CA ASP A 216 26.48 -6.73 10.07
C ASP A 216 26.53 -8.09 9.36
N PHE A 217 25.45 -8.40 8.65
CA PHE A 217 25.33 -9.65 7.90
C PHE A 217 25.16 -9.38 6.42
N GLY A 218 25.87 -8.37 5.92
CA GLY A 218 25.77 -7.95 4.52
C GLY A 218 26.18 -8.99 3.50
N THR A 219 27.11 -9.86 3.88
CA THR A 219 27.67 -10.84 2.95
C THR A 219 27.03 -12.23 3.06
N CYS A 220 26.01 -12.35 3.92
CA CYS A 220 25.35 -13.63 4.18
C CYS A 220 24.55 -14.17 3.00
N MET A 221 24.65 -15.47 2.78
CA MET A 221 23.93 -16.16 1.70
C MET A 221 23.31 -17.46 2.21
N LYS A 222 22.14 -17.81 1.69
CA LYS A 222 21.41 -19.01 2.07
C LYS A 222 22.06 -20.27 1.52
N MET A 223 22.20 -21.28 2.38
CA MET A 223 22.72 -22.58 1.98
C MET A 223 21.66 -23.40 1.25
N ASN A 224 22.10 -24.25 0.33
CA ASN A 224 21.20 -25.17 -0.36
C ASN A 224 20.84 -26.39 0.48
N LYS A 225 20.28 -27.42 -0.16
CA LYS A 225 19.91 -28.67 0.51
C LYS A 225 21.12 -29.38 1.12
N GLU A 226 22.21 -29.46 0.36
CA GLU A 226 23.45 -30.10 0.82
C GLU A 226 24.38 -29.14 1.57
N GLY A 227 23.84 -27.98 1.95
CA GLY A 227 24.55 -26.99 2.77
C GLY A 227 25.77 -26.37 2.09
N MET A 228 25.64 -26.07 0.81
CA MET A 228 26.74 -25.51 0.02
C MET A 228 26.31 -24.20 -0.65
N VAL A 229 27.30 -23.44 -1.14
CA VAL A 229 27.04 -22.18 -1.82
C VAL A 229 27.77 -22.13 -3.17
N ARG A 230 27.03 -21.77 -4.22
CA ARG A 230 27.58 -21.67 -5.57
C ARG A 230 27.73 -20.20 -5.97
N CYS A 231 28.92 -19.65 -5.76
CA CYS A 231 29.21 -18.26 -6.07
C CYS A 231 30.46 -18.13 -6.95
N ASP A 232 30.34 -17.39 -8.04
CA ASP A 232 31.42 -17.24 -9.02
C ASP A 232 32.42 -16.15 -8.67
N THR A 233 31.98 -15.13 -7.93
CA THR A 233 32.85 -14.06 -7.47
C THR A 233 33.16 -14.18 -5.97
N ALA A 234 34.37 -13.78 -5.58
CA ALA A 234 34.81 -13.88 -4.19
C ALA A 234 34.17 -12.81 -3.30
N VAL A 235 33.90 -13.19 -2.05
CA VAL A 235 33.31 -12.28 -1.07
C VAL A 235 34.05 -12.38 0.27
N GLY A 236 34.32 -11.22 0.88
CA GLY A 236 34.96 -11.16 2.18
C GLY A 236 36.03 -10.09 2.35
N THR A 237 36.98 -10.37 3.25
CA THR A 237 38.07 -9.44 3.57
C THR A 237 39.41 -10.13 3.31
N PRO A 238 40.35 -9.44 2.64
CA PRO A 238 41.67 -9.98 2.26
C PRO A 238 42.40 -10.79 3.33
N ASP A 239 42.34 -10.35 4.59
CA ASP A 239 43.07 -11.02 5.67
C ASP A 239 42.39 -12.30 6.17
N TYR A 240 41.06 -12.32 6.12
CA TYR A 240 40.27 -13.40 6.75
C TYR A 240 39.67 -14.39 5.76
N ILE A 241 39.76 -14.08 4.47
CA ILE A 241 39.18 -14.92 3.42
C ILE A 241 39.88 -16.29 3.32
N SER A 242 39.07 -17.33 3.15
CA SER A 242 39.56 -18.70 3.02
C SER A 242 40.09 -18.97 1.61
N PRO A 243 41.00 -19.96 1.46
CA PRO A 243 41.58 -20.29 0.16
C PRO A 243 40.54 -20.65 -0.91
N GLU A 244 39.49 -21.35 -0.52
CA GLU A 244 38.47 -21.80 -1.49
C GLU A 244 37.53 -20.68 -1.95
N VAL A 245 37.19 -19.75 -1.07
CA VAL A 245 36.34 -18.62 -1.41
C VAL A 245 37.13 -17.59 -2.23
N LEU A 246 38.42 -17.49 -1.96
CA LEU A 246 39.31 -16.56 -2.66
C LEU A 246 39.59 -17.00 -4.09
N LYS A 247 39.86 -18.30 -4.28
CA LYS A 247 40.12 -18.85 -5.61
C LYS A 247 38.82 -19.16 -6.37
N SER A 248 37.69 -19.13 -5.66
CA SER A 248 36.39 -19.45 -6.23
C SER A 248 36.18 -18.79 -7.60
N GLN A 249 36.25 -19.60 -8.64
CA GLN A 249 36.19 -19.13 -10.01
C GLN A 249 34.83 -19.41 -10.65
N GLY A 250 34.68 -18.99 -11.91
CA GLY A 250 33.51 -19.31 -12.72
C GLY A 250 33.43 -20.78 -13.06
N GLY A 251 34.57 -21.47 -12.89
CA GLY A 251 34.65 -22.92 -13.07
C GLY A 251 33.62 -23.66 -12.24
N ASP A 252 33.47 -23.23 -10.98
CA ASP A 252 32.41 -23.72 -10.11
C ASP A 252 32.10 -22.73 -8.98
N GLY A 253 33.07 -22.52 -8.09
CA GLY A 253 32.90 -21.68 -6.91
C GLY A 253 31.90 -22.29 -5.94
N TYR A 254 32.15 -23.55 -5.57
CA TYR A 254 31.23 -24.35 -4.78
C TYR A 254 31.86 -24.72 -3.45
N TYR A 255 31.46 -24.02 -2.39
CA TYR A 255 32.03 -24.20 -1.06
C TYR A 255 30.98 -24.32 0.05
N GLY A 256 31.39 -24.92 1.18
CA GLY A 256 30.52 -25.09 2.34
C GLY A 256 30.79 -24.07 3.43
N ARG A 257 30.34 -24.40 4.65
CA ARG A 257 30.46 -23.52 5.81
C ARG A 257 31.87 -23.52 6.42
N GLU A 258 32.73 -24.39 5.90
CA GLU A 258 34.11 -24.54 6.38
C GLU A 258 34.90 -23.24 6.26
N CYS A 259 34.49 -22.38 5.31
CA CYS A 259 35.11 -21.08 5.09
C CYS A 259 34.97 -20.14 6.28
N ASP A 260 33.88 -20.29 7.03
CA ASP A 260 33.64 -19.50 8.24
C ASP A 260 34.59 -19.90 9.36
N TRP A 261 34.90 -21.19 9.46
CA TRP A 261 35.80 -21.71 10.51
C TRP A 261 37.26 -21.36 10.25
N TRP A 262 37.62 -21.22 8.97
CA TRP A 262 38.94 -20.73 8.59
C TRP A 262 39.15 -19.33 9.15
N SER A 263 38.14 -18.49 9.02
CA SER A 263 38.17 -17.10 9.50
C SER A 263 38.25 -17.00 11.02
N VAL A 264 37.67 -17.98 11.71
CA VAL A 264 37.75 -18.08 13.18
C VAL A 264 39.19 -18.36 13.61
N GLY A 265 39.89 -19.19 12.83
CA GLY A 265 41.31 -19.47 13.06
C GLY A 265 42.20 -18.26 12.85
N VAL A 266 41.88 -17.48 11.81
CA VAL A 266 42.56 -16.22 11.52
C VAL A 266 42.32 -15.23 12.67
N PHE A 267 41.09 -15.24 13.19
CA PHE A 267 40.69 -14.40 14.32
C PHE A 267 41.44 -14.77 15.61
N LEU A 268 41.64 -16.06 15.84
CA LEU A 268 42.35 -16.55 17.02
C LEU A 268 43.83 -16.21 16.95
N TYR A 269 44.43 -16.43 15.78
CA TYR A 269 45.84 -16.12 15.54
C TYR A 269 46.15 -14.65 15.83
N GLU A 270 45.28 -13.76 15.35
CA GLU A 270 45.47 -12.31 15.52
C GLU A 270 45.38 -11.86 16.98
N MET A 271 44.47 -12.47 17.74
CA MET A 271 44.30 -12.14 19.16
C MET A 271 45.55 -12.46 19.99
N LEU A 272 46.22 -13.55 19.64
CA LEU A 272 47.38 -14.01 20.41
C LEU A 272 48.71 -13.41 19.92
N VAL A 273 48.89 -13.38 18.60
CA VAL A 273 50.13 -12.89 17.99
C VAL A 273 50.15 -11.37 17.90
N GLY A 274 49.01 -10.76 17.57
CA GLY A 274 48.91 -9.32 17.40
C GLY A 274 48.98 -8.91 15.93
N ASP A 275 49.13 -9.91 15.06
CA ASP A 275 49.20 -9.71 13.62
C ASP A 275 48.34 -10.76 12.90
N THR A 276 47.92 -10.45 11.68
CA THR A 276 47.22 -11.41 10.83
C THR A 276 48.20 -12.48 10.35
N PRO A 277 47.76 -13.75 10.31
CA PRO A 277 48.64 -14.88 9.93
C PRO A 277 49.23 -14.76 8.52
N PHE A 278 48.63 -13.93 7.68
CA PHE A 278 49.07 -13.77 6.31
C PHE A 278 49.30 -12.31 5.93
N TYR A 279 49.84 -11.53 6.86
CA TYR A 279 50.18 -10.14 6.62
C TYR A 279 51.30 -9.98 5.60
N ALA A 280 51.22 -8.91 4.81
CA ALA A 280 52.27 -8.56 3.86
C ALA A 280 52.38 -7.04 3.70
N ASP A 281 53.32 -6.60 2.86
CA ASP A 281 53.52 -5.19 2.56
C ASP A 281 52.28 -4.62 1.88
N SER A 282 51.95 -5.18 0.71
CA SER A 282 50.78 -4.78 -0.05
C SER A 282 49.68 -5.83 0.08
N LEU A 283 48.46 -5.46 -0.34
CA LEU A 283 47.29 -6.33 -0.29
C LEU A 283 47.49 -7.63 -1.09
N VAL A 284 48.13 -7.50 -2.26
CA VAL A 284 48.36 -8.62 -3.16
C VAL A 284 49.33 -9.68 -2.60
N GLY A 285 50.15 -9.26 -1.63
CA GLY A 285 51.08 -10.16 -0.95
C GLY A 285 50.36 -11.10 0.00
N THR A 286 49.38 -10.57 0.73
CA THR A 286 48.50 -11.35 1.60
C THR A 286 47.86 -12.50 0.83
N TYR A 287 47.56 -12.22 -0.45
CA TYR A 287 46.89 -13.16 -1.33
C TYR A 287 47.75 -14.38 -1.64
N SER A 288 48.99 -14.14 -2.04
CA SER A 288 49.94 -15.23 -2.33
C SER A 288 50.22 -16.06 -1.07
N LYS A 289 50.27 -15.38 0.08
CA LYS A 289 50.51 -16.04 1.36
C LYS A 289 49.33 -16.90 1.82
N ILE A 290 48.11 -16.49 1.46
CA ILE A 290 46.91 -17.26 1.80
C ILE A 290 46.83 -18.56 0.98
N MET A 291 47.07 -18.44 -0.34
CA MET A 291 47.12 -19.60 -1.23
C MET A 291 48.26 -20.54 -0.85
N ASN A 292 49.28 -19.96 -0.21
CA ASN A 292 50.45 -20.71 0.25
C ASN A 292 50.44 -20.86 1.77
N HIS A 293 49.25 -21.09 2.34
CA HIS A 293 49.08 -21.25 3.78
C HIS A 293 49.83 -22.45 4.35
N LYS A 294 50.18 -23.39 3.46
CA LYS A 294 50.93 -24.59 3.84
C LYS A 294 52.35 -24.24 4.29
N ASN A 295 52.92 -23.18 3.72
CA ASN A 295 54.30 -22.78 4.03
C ASN A 295 54.45 -21.36 4.61
N SER A 296 53.39 -20.55 4.49
CA SER A 296 53.43 -19.17 4.98
C SER A 296 53.01 -19.06 6.45
N LEU A 297 52.19 -20.00 6.90
CA LEU A 297 51.69 -19.99 8.28
C LEU A 297 52.75 -20.42 9.27
N THR A 298 53.30 -19.44 9.99
CA THR A 298 54.31 -19.68 11.02
C THR A 298 53.99 -18.87 12.28
N PHE A 299 54.47 -19.35 13.42
CA PHE A 299 54.35 -18.64 14.68
C PHE A 299 55.68 -18.00 15.05
N PRO A 300 55.67 -16.71 15.42
CA PRO A 300 56.90 -16.03 15.86
C PRO A 300 57.43 -16.63 17.16
N ASP A 301 58.75 -16.67 17.31
CA ASP A 301 59.38 -17.27 18.48
C ASP A 301 59.03 -16.50 19.76
N ASP A 302 57.98 -16.97 20.44
CA ASP A 302 57.48 -16.36 21.66
C ASP A 302 56.78 -17.44 22.46
N ASN A 303 57.32 -17.75 23.64
CA ASN A 303 56.77 -18.81 24.48
C ASN A 303 55.64 -18.30 25.37
N ASP A 304 54.45 -18.23 24.77
CA ASP A 304 53.23 -17.77 25.45
C ASP A 304 51.99 -18.34 24.78
N ILE A 305 52.17 -18.90 23.59
CA ILE A 305 51.11 -19.58 22.87
C ILE A 305 51.13 -21.05 23.27
N SER A 306 50.09 -21.48 23.98
CA SER A 306 49.98 -22.87 24.43
C SER A 306 49.90 -23.84 23.26
N LYS A 307 50.26 -25.10 23.51
CA LYS A 307 50.22 -26.15 22.49
C LYS A 307 48.83 -26.24 21.83
N GLU A 308 47.79 -26.16 22.66
CA GLU A 308 46.41 -26.27 22.21
C GLU A 308 45.97 -25.09 21.35
N ALA A 309 46.49 -23.91 21.65
CA ALA A 309 46.20 -22.69 20.88
C ALA A 309 46.73 -22.81 19.46
N LYS A 310 47.99 -23.23 19.32
CA LYS A 310 48.61 -23.49 18.03
C LYS A 310 47.89 -24.62 17.29
N ASN A 311 47.52 -25.67 18.03
CA ASN A 311 46.80 -26.81 17.47
C ASN A 311 45.47 -26.43 16.84
N LEU A 312 44.72 -25.57 17.52
CA LEU A 312 43.40 -25.12 17.05
C LEU A 312 43.54 -24.20 15.85
N ILE A 313 44.47 -23.26 15.92
CA ILE A 313 44.75 -22.32 14.82
C ILE A 313 45.14 -23.07 13.55
N CYS A 314 46.02 -24.07 13.69
CA CYS A 314 46.46 -24.90 12.57
C CYS A 314 45.37 -25.84 12.05
N ALA A 315 44.47 -26.26 12.94
CA ALA A 315 43.33 -27.10 12.57
C ALA A 315 42.31 -26.31 11.75
N PHE A 316 42.21 -25.01 12.04
CA PHE A 316 41.34 -24.10 11.30
C PHE A 316 42.01 -23.55 10.05
N LEU A 317 43.33 -23.37 10.11
CA LEU A 317 44.08 -22.78 8.98
C LEU A 317 44.72 -23.83 8.09
N THR A 318 43.88 -24.69 7.53
CA THR A 318 44.31 -25.72 6.58
C THR A 318 43.27 -25.87 5.46
N ASP A 319 43.55 -26.75 4.51
CA ASP A 319 42.64 -27.02 3.39
C ASP A 319 41.27 -27.51 3.86
N ARG A 320 40.24 -27.10 3.13
CA ARG A 320 38.83 -27.41 3.44
C ARG A 320 38.55 -28.89 3.73
N GLU A 321 39.23 -29.77 3.00
CA GLU A 321 39.03 -31.21 3.08
C GLU A 321 39.45 -31.83 4.42
N VAL A 322 40.43 -31.21 5.08
CA VAL A 322 40.95 -31.71 6.35
C VAL A 322 40.57 -30.79 7.52
N ARG A 323 40.11 -29.58 7.19
CA ARG A 323 39.82 -28.53 8.16
C ARG A 323 38.87 -28.94 9.29
N LEU A 324 39.20 -28.54 10.52
CA LEU A 324 38.36 -28.81 11.68
C LEU A 324 37.03 -28.05 11.56
N GLY A 325 35.94 -28.77 11.80
CA GLY A 325 34.60 -28.22 11.64
C GLY A 325 33.89 -28.77 10.41
N ARG A 326 34.60 -29.62 9.66
CA ARG A 326 34.03 -30.30 8.50
C ARG A 326 32.99 -31.34 8.91
N ASN A 327 33.14 -31.85 10.14
CA ASN A 327 32.26 -32.88 10.69
C ASN A 327 31.29 -32.31 11.73
N GLY A 328 30.84 -31.08 11.52
CA GLY A 328 29.93 -30.42 12.44
C GLY A 328 30.64 -29.53 13.44
N VAL A 329 29.83 -28.82 14.25
CA VAL A 329 30.36 -27.85 15.22
C VAL A 329 30.85 -28.50 16.52
N GLU A 330 30.29 -29.66 16.85
CA GLU A 330 30.58 -30.34 18.13
C GLU A 330 32.02 -30.79 18.29
N GLU A 331 32.72 -31.00 17.17
CA GLU A 331 34.13 -31.40 17.21
C GLU A 331 35.06 -30.22 17.48
N ILE A 332 34.58 -29.00 17.18
CA ILE A 332 35.29 -27.77 17.52
C ILE A 332 35.18 -27.51 19.02
N LYS A 333 33.99 -27.76 19.56
CA LYS A 333 33.71 -27.60 20.99
C LYS A 333 34.50 -28.60 21.84
N ARG A 334 34.68 -29.80 21.31
CA ARG A 334 35.41 -30.86 22.00
C ARG A 334 36.93 -30.67 22.00
N HIS A 335 37.40 -29.63 21.31
CA HIS A 335 38.84 -29.33 21.24
C HIS A 335 39.40 -28.96 22.61
N LEU A 336 40.64 -29.35 22.86
CA LEU A 336 41.31 -29.17 24.15
C LEU A 336 41.63 -27.71 24.49
N PHE A 337 41.71 -26.86 23.46
CA PHE A 337 41.95 -25.43 23.67
C PHE A 337 40.85 -24.79 24.50
N PHE A 338 39.61 -25.24 24.29
CA PHE A 338 38.46 -24.72 25.00
C PHE A 338 38.27 -25.32 26.40
N LYS A 339 39.02 -26.39 26.70
CA LYS A 339 38.96 -27.04 28.00
C LYS A 339 39.44 -26.09 29.10
N ASN A 340 38.48 -25.57 29.86
CA ASN A 340 38.75 -24.64 30.95
C ASN A 340 37.98 -25.04 32.22
N ASP A 341 38.04 -24.18 33.24
CA ASP A 341 37.34 -24.42 34.51
C ASP A 341 36.57 -23.21 35.03
N GLN A 342 36.18 -22.31 34.13
CA GLN A 342 35.47 -21.11 34.52
C GLN A 342 34.09 -21.02 33.86
N TRP A 343 33.90 -21.77 32.77
CA TRP A 343 32.62 -21.81 32.05
C TRP A 343 32.41 -23.11 31.28
N ALA A 344 31.15 -23.37 30.93
CA ALA A 344 30.77 -24.45 30.02
C ALA A 344 29.97 -23.86 28.86
N TRP A 345 30.01 -24.53 27.70
CA TRP A 345 29.38 -24.04 26.47
C TRP A 345 27.91 -23.66 26.63
N GLU A 346 27.15 -24.50 27.32
CA GLU A 346 25.71 -24.29 27.53
C GLU A 346 25.39 -23.16 28.51
N THR A 347 26.40 -22.71 29.25
CA THR A 347 26.24 -21.64 30.23
C THR A 347 27.26 -20.50 30.07
N LEU A 348 27.92 -20.46 28.91
CA LEU A 348 29.00 -19.50 28.63
C LEU A 348 28.55 -18.03 28.71
N ARG A 349 27.42 -17.71 28.09
CA ARG A 349 26.94 -16.33 28.03
C ARG A 349 26.29 -15.88 29.34
N ASP A 350 26.33 -16.74 30.36
CA ASP A 350 25.82 -16.41 31.68
C ASP A 350 26.96 -16.15 32.68
N THR A 351 28.18 -16.49 32.28
CA THR A 351 29.37 -16.23 33.09
C THR A 351 29.83 -14.78 32.93
N VAL A 352 30.67 -14.32 33.85
CA VAL A 352 31.21 -12.96 33.81
C VAL A 352 32.27 -12.82 32.71
N ALA A 353 32.10 -11.81 31.86
CA ALA A 353 32.98 -11.54 30.73
C ALA A 353 34.36 -11.07 31.19
N PRO A 354 35.42 -11.36 30.40
CA PRO A 354 36.79 -10.94 30.71
C PRO A 354 36.97 -9.42 30.81
N VAL A 355 36.18 -8.66 30.04
CA VAL A 355 36.21 -7.20 30.09
C VAL A 355 34.80 -6.63 30.21
N VAL A 356 34.37 -6.37 31.44
CA VAL A 356 33.10 -5.72 31.69
C VAL A 356 33.28 -4.21 31.54
N PRO A 357 32.56 -3.60 30.57
CA PRO A 357 32.72 -2.16 30.33
C PRO A 357 32.05 -1.30 31.41
N ASP A 358 32.74 -0.24 31.81
CA ASP A 358 32.23 0.72 32.78
C ASP A 358 31.62 1.91 32.04
N LEU A 359 30.30 2.05 32.13
CA LEU A 359 29.57 3.05 31.36
C LEU A 359 29.01 4.17 32.24
N SER A 360 29.20 5.41 31.77
CA SER A 360 28.76 6.60 32.50
C SER A 360 27.27 6.85 32.36
N SER A 361 26.76 6.70 31.14
CA SER A 361 25.34 6.91 30.84
C SER A 361 24.86 5.92 29.77
N ASP A 362 23.58 6.01 29.41
CA ASP A 362 23.01 5.18 28.34
C ASP A 362 23.57 5.56 26.97
N ILE A 363 24.23 6.72 26.90
CA ILE A 363 24.81 7.23 25.67
C ILE A 363 26.35 7.31 25.72
N ASP A 364 26.96 6.50 26.59
CA ASP A 364 28.41 6.47 26.73
C ASP A 364 29.07 5.81 25.52
N THR A 365 29.67 6.65 24.66
CA THR A 365 30.32 6.19 23.43
C THR A 365 31.85 6.21 23.55
N SER A 366 32.33 5.85 24.74
CA SER A 366 33.77 5.87 25.02
C SER A 366 34.54 4.77 24.30
N ASN A 367 33.86 3.66 24.00
CA ASN A 367 34.46 2.52 23.31
C ASN A 367 34.47 2.63 21.78
N PHE A 368 34.02 3.79 21.28
CA PHE A 368 34.02 4.06 19.84
C PHE A 368 34.91 5.26 19.53
N ASP A 369 35.78 5.11 18.52
CA ASP A 369 36.69 6.17 18.10
C ASP A 369 35.92 7.38 17.56
N ASP A 370 36.35 8.57 17.95
CA ASP A 370 35.67 9.83 17.64
C ASP A 370 35.65 10.15 16.15
N LEU A 371 34.50 10.64 15.67
CA LEU A 371 34.35 11.09 14.29
C LEU A 371 33.63 12.44 14.21
N GLU A 372 33.81 13.12 13.08
CA GLU A 372 33.36 14.52 12.88
C GLU A 372 31.85 14.75 12.86
N GLU A 373 31.11 13.82 12.25
CA GLU A 373 29.66 13.93 12.00
C GLU A 373 29.26 15.06 11.04
N ASP A 374 27.95 15.22 10.83
CA ASP A 374 27.34 16.32 10.05
C ASP A 374 27.39 16.13 8.52
N LYS A 375 28.60 16.04 7.98
CA LYS A 375 28.83 15.85 6.53
C LYS A 375 28.38 17.03 5.68
N GLY A 376 27.13 17.00 5.21
CA GLY A 376 26.60 18.04 4.31
C GLY A 376 25.76 17.47 3.20
N GLU A 377 24.68 16.78 3.59
CA GLU A 377 23.71 16.13 2.69
C GLU A 377 24.26 15.70 1.32
N GLU A 378 24.70 14.44 1.26
CA GLU A 378 25.36 13.88 0.08
C GLU A 378 24.45 13.77 -1.15
N GLU A 379 25.07 13.57 -2.31
CA GLU A 379 24.34 13.45 -3.57
C GLU A 379 23.55 12.16 -3.67
N THR A 380 22.31 12.29 -4.15
CA THR A 380 21.41 11.15 -4.35
C THR A 380 21.17 10.91 -5.85
N PHE A 381 20.03 10.33 -6.19
CA PHE A 381 19.65 10.08 -7.58
C PHE A 381 19.47 11.38 -8.37
N PRO A 382 19.91 11.40 -9.64
CA PRO A 382 19.65 12.55 -10.51
C PRO A 382 18.17 12.63 -10.87
N ILE A 383 17.63 13.86 -10.90
CA ILE A 383 16.21 14.09 -11.19
C ILE A 383 15.82 13.49 -12.55
N PRO A 384 14.88 12.53 -12.53
CA PRO A 384 14.48 11.79 -13.74
C PRO A 384 13.78 12.68 -14.78
N LYS A 385 14.02 12.36 -16.04
CA LYS A 385 13.35 13.02 -17.16
C LYS A 385 12.20 12.15 -17.66
N ALA A 386 12.33 10.84 -17.43
CA ALA A 386 11.28 9.86 -17.67
C ALA A 386 11.17 8.95 -16.45
N PHE A 387 10.04 8.26 -16.32
CA PHE A 387 9.81 7.37 -15.17
C PHE A 387 10.90 6.30 -15.07
N VAL A 388 11.66 6.35 -13.98
CA VAL A 388 12.75 5.40 -13.75
C VAL A 388 12.39 4.32 -12.73
N GLY A 389 11.78 4.74 -11.62
CA GLY A 389 11.36 3.81 -10.56
C GLY A 389 12.49 3.38 -9.65
N ASN A 390 13.27 4.34 -9.16
CA ASN A 390 14.43 4.07 -8.31
C ASN A 390 14.10 3.57 -6.91
N GLN A 391 12.86 3.80 -6.47
CA GLN A 391 12.42 3.42 -5.12
C GLN A 391 11.79 2.02 -5.08
N LEU A 392 11.64 1.41 -6.25
CA LEU A 392 11.03 0.08 -6.39
C LEU A 392 11.86 -1.06 -5.77
N PRO A 393 13.20 -1.08 -5.99
CA PRO A 393 14.02 -2.15 -5.39
C PRO A 393 14.12 -2.11 -3.86
N PHE A 394 13.49 -1.12 -3.22
CA PHE A 394 13.49 -1.01 -1.77
C PHE A 394 12.10 -1.13 -1.15
N VAL A 395 11.14 -1.59 -1.95
CA VAL A 395 9.77 -1.81 -1.49
C VAL A 395 9.72 -3.05 -0.59
N GLY A 396 9.21 -2.87 0.63
CA GLY A 396 9.07 -3.97 1.58
C GLY A 396 10.20 -4.06 2.60
N PHE A 397 11.13 -3.11 2.53
CA PHE A 397 12.24 -3.05 3.48
C PHE A 397 11.77 -2.61 4.87
N THR A 398 10.64 -1.91 4.91
CA THR A 398 10.08 -1.39 6.16
C THR A 398 9.63 -2.50 7.12
N TYR A 399 10.10 -2.39 8.36
CA TYR A 399 9.78 -3.32 9.44
C TYR A 399 9.26 -2.51 10.62
N TYR A 400 7.96 -2.24 10.60
CA TYR A 400 7.33 -1.33 11.57
C TYR A 400 5.87 -1.71 11.89
N SER A 401 5.05 -1.83 10.85
CA SER A 401 3.63 -2.12 11.01
C SER A 401 3.37 -3.61 11.24
N ASN A 402 4.19 -4.45 10.62
CA ASN A 402 4.07 -5.90 10.73
C ASN A 402 5.36 -6.56 11.22
N ARG A 403 5.61 -6.44 12.52
CA ARG A 403 6.78 -7.06 13.14
C ARG A 403 6.39 -8.16 14.12
N ARG A 404 7.31 -9.10 14.33
CA ARG A 404 7.08 -10.26 15.17
C ARG A 404 7.23 -9.91 16.66
N TYR A 405 6.33 -10.45 17.47
CA TYR A 405 6.35 -10.21 18.92
C TYR A 405 6.42 -11.50 19.72
N MET B 5 1.42 13.79 20.13
CA MET B 5 0.94 12.37 20.24
C MET B 5 2.09 11.43 20.58
N SER B 6 1.76 10.39 21.36
CA SER B 6 2.74 9.39 21.77
C SER B 6 3.06 8.41 20.63
N PHE B 7 4.08 7.58 20.84
CA PHE B 7 4.48 6.55 19.88
C PHE B 7 3.38 5.52 19.70
N GLU B 8 2.73 5.15 20.80
CA GLU B 8 1.62 4.20 20.78
C GLU B 8 0.43 4.74 20.01
N THR B 9 0.26 6.07 20.03
CA THR B 9 -0.83 6.73 19.32
C THR B 9 -0.55 6.83 17.81
N ARG B 10 0.63 7.35 17.46
CA ARG B 10 1.06 7.49 16.07
C ARG B 10 1.05 6.15 15.33
N PHE B 11 1.36 5.08 16.08
CA PHE B 11 1.33 3.72 15.57
C PHE B 11 -0.11 3.24 15.37
N GLU B 12 -0.96 3.48 16.37
CA GLU B 12 -2.33 2.97 16.38
C GLU B 12 -3.30 3.74 15.47
N LYS B 13 -3.06 5.03 15.31
CA LYS B 13 -3.81 5.84 14.35
C LYS B 13 -3.51 5.36 12.93
N MET B 14 -2.24 5.06 12.67
CA MET B 14 -1.80 4.48 11.40
C MET B 14 -2.40 3.09 11.18
N ASP B 15 -2.39 2.27 12.24
CA ASP B 15 -2.88 0.89 12.16
C ASP B 15 -4.41 0.81 11.97
N ASN B 16 -5.12 1.81 12.49
CA ASN B 16 -6.57 1.90 12.30
C ASN B 16 -6.96 2.33 10.88
N LEU B 17 -6.09 3.12 10.25
CA LEU B 17 -6.29 3.59 8.88
C LEU B 17 -6.36 2.45 7.85
N LEU B 18 -5.59 1.39 8.08
CA LEU B 18 -5.57 0.24 7.18
C LEU B 18 -6.81 -0.64 7.30
N ARG B 19 -7.65 -0.37 8.30
CA ARG B 19 -8.90 -1.10 8.49
C ARG B 19 -10.15 -0.20 8.43
N ASP B 20 -9.92 1.09 8.17
CA ASP B 20 -11.01 2.07 8.06
C ASP B 20 -11.54 2.14 6.62
N PRO B 21 -12.82 1.79 6.41
CA PRO B 21 -13.45 1.83 5.09
C PRO B 21 -13.47 3.22 4.46
N LYS B 22 -13.49 4.26 5.29
CA LYS B 22 -13.53 5.65 4.83
C LYS B 22 -12.14 6.21 4.55
N SER B 23 -11.11 5.39 4.74
CA SER B 23 -9.72 5.81 4.53
C SER B 23 -9.23 5.49 3.11
N GLU B 24 -8.45 6.41 2.56
CA GLU B 24 -7.84 6.25 1.24
C GLU B 24 -6.59 5.36 1.28
N VAL B 25 -6.16 5.01 2.50
CA VAL B 25 -4.95 4.21 2.71
C VAL B 25 -5.29 2.83 3.27
N ASN B 26 -6.59 2.52 3.31
CA ASN B 26 -7.08 1.22 3.76
C ASN B 26 -6.49 0.05 2.96
N SER B 27 -6.42 -1.12 3.60
CA SER B 27 -5.82 -2.33 3.00
C SER B 27 -6.24 -2.61 1.56
N ASP B 28 -7.53 -2.45 1.27
CA ASP B 28 -8.06 -2.68 -0.08
C ASP B 28 -7.58 -1.64 -1.09
N CYS B 29 -7.38 -0.41 -0.62
CA CYS B 29 -6.91 0.69 -1.46
C CYS B 29 -5.41 0.56 -1.76
N LEU B 30 -4.65 0.06 -0.79
CA LEU B 30 -3.22 -0.17 -0.94
C LEU B 30 -2.93 -1.33 -1.89
N LEU B 31 -3.77 -2.36 -1.82
CA LEU B 31 -3.68 -3.51 -2.72
C LEU B 31 -3.94 -3.10 -4.17
N ASP B 32 -4.75 -2.05 -4.36
CA ASP B 32 -5.00 -1.48 -5.68
C ASP B 32 -3.75 -0.86 -6.29
N GLY B 33 -3.10 0.03 -5.52
CA GLY B 33 -1.90 0.73 -5.97
C GLY B 33 -0.76 -0.17 -6.39
N LEU B 34 -0.72 -1.37 -5.80
CA LEU B 34 0.26 -2.39 -6.16
C LEU B 34 -0.22 -3.20 -7.36
N ASP B 35 -1.49 -3.57 -7.36
CA ASP B 35 -2.13 -4.29 -8.47
C ASP B 35 -2.08 -3.44 -9.74
N ALA B 36 -2.25 -2.13 -9.58
CA ALA B 36 -2.21 -1.19 -10.69
C ALA B 36 -0.80 -1.01 -11.25
N LEU B 37 0.16 -0.84 -10.34
CA LEU B 37 1.57 -0.62 -10.72
C LEU B 37 2.17 -1.79 -11.49
N VAL B 38 1.64 -2.99 -11.26
CA VAL B 38 2.06 -4.18 -12.00
C VAL B 38 1.55 -4.14 -13.44
N TYR B 39 0.26 -3.81 -13.61
CA TYR B 39 -0.36 -3.71 -14.93
C TYR B 39 0.27 -2.62 -15.81
N ASP B 40 0.49 -1.44 -15.22
CA ASP B 40 1.06 -0.30 -15.95
C ASP B 40 2.58 -0.35 -16.07
N LEU B 41 3.17 -1.52 -15.86
CA LEU B 41 4.62 -1.71 -16.00
C LEU B 41 5.00 -2.98 -16.74
N ASP B 42 4.10 -3.96 -16.76
CA ASP B 42 4.36 -5.26 -17.39
C ASP B 42 4.30 -5.16 -18.92
N PHE B 43 5.14 -4.29 -19.47
CA PHE B 43 5.27 -4.11 -20.91
C PHE B 43 6.74 -4.23 -21.30
N PRO B 44 7.04 -4.99 -22.37
CA PRO B 44 8.41 -5.30 -22.82
C PRO B 44 9.29 -4.07 -23.03
N ALA B 45 8.68 -2.94 -23.39
CA ALA B 45 9.41 -1.68 -23.58
C ALA B 45 9.92 -1.11 -22.25
N LEU B 46 9.10 -1.25 -21.20
CA LEU B 46 9.44 -0.77 -19.86
C LEU B 46 10.24 -1.80 -19.06
N ARG B 47 10.19 -3.06 -19.50
CA ARG B 47 10.95 -4.15 -18.89
C ARG B 47 12.46 -3.98 -19.08
N LYS B 48 12.85 -3.06 -19.97
CA LYS B 48 14.25 -2.73 -20.23
C LYS B 48 14.95 -2.19 -18.99
N ASN B 49 14.24 -1.34 -18.25
CA ASN B 49 14.74 -0.82 -16.97
C ASN B 49 14.77 -1.93 -15.92
N LYS B 50 15.92 -2.06 -15.25
CA LYS B 50 16.12 -3.13 -14.27
C LYS B 50 15.32 -2.93 -13.00
N ASN B 51 15.21 -1.68 -12.56
CA ASN B 51 14.37 -1.32 -11.41
C ASN B 51 12.91 -1.75 -11.57
N ILE B 52 12.45 -1.75 -12.83
CA ILE B 52 11.10 -2.19 -13.17
C ILE B 52 11.04 -3.72 -13.33
N ASP B 53 12.01 -4.28 -14.06
CA ASP B 53 12.11 -5.73 -14.29
C ASP B 53 12.27 -6.50 -12.98
N ASN B 54 13.15 -5.99 -12.10
CA ASN B 54 13.37 -6.60 -10.78
C ASN B 54 12.16 -6.49 -9.86
N PHE B 55 11.36 -5.44 -10.06
CA PHE B 55 10.13 -5.24 -9.29
C PHE B 55 9.07 -6.28 -9.67
N LEU B 56 8.87 -6.45 -10.98
CA LEU B 56 7.87 -7.37 -11.51
C LEU B 56 8.24 -8.83 -11.26
N SER B 57 9.54 -9.13 -11.32
CA SER B 57 10.05 -10.48 -11.09
C SER B 57 9.79 -10.96 -9.67
N ARG B 58 9.84 -10.04 -8.70
CA ARG B 58 9.59 -10.35 -7.30
C ARG B 58 8.10 -10.52 -7.03
N TYR B 59 7.32 -9.48 -7.36
CA TYR B 59 5.89 -9.48 -7.10
C TYR B 59 5.06 -10.19 -8.18
N LYS B 60 5.72 -11.07 -8.93
CA LYS B 60 5.04 -11.88 -9.94
C LYS B 60 4.06 -12.83 -9.26
N ASP B 61 4.59 -13.82 -8.55
CA ASP B 61 3.79 -14.83 -7.84
C ASP B 61 2.73 -14.21 -6.95
N THR B 62 3.13 -13.18 -6.19
CA THR B 62 2.29 -12.56 -5.18
C THR B 62 1.05 -11.91 -5.78
N ILE B 63 1.23 -11.09 -6.80
CA ILE B 63 0.13 -10.31 -7.38
C ILE B 63 -0.93 -11.17 -8.09
N ASN B 64 -0.54 -12.35 -8.57
CA ASN B 64 -1.49 -13.28 -9.21
C ASN B 64 -2.41 -13.93 -8.18
N LYS B 65 -1.80 -14.50 -7.14
CA LYS B 65 -2.53 -15.14 -6.05
C LYS B 65 -3.47 -14.15 -5.36
N ILE B 66 -2.99 -12.92 -5.19
CA ILE B 66 -3.80 -11.81 -4.67
C ILE B 66 -5.02 -11.57 -5.56
N ARG B 67 -4.78 -11.45 -6.87
CA ARG B 67 -5.84 -11.21 -7.86
C ARG B 67 -6.90 -12.32 -7.88
N ASP B 68 -6.46 -13.56 -7.64
CA ASP B 68 -7.36 -14.71 -7.62
C ASP B 68 -8.18 -14.78 -6.33
N LEU B 69 -7.59 -14.37 -5.21
CA LEU B 69 -8.24 -14.45 -3.90
C LEU B 69 -9.26 -13.35 -3.64
N ARG B 70 -8.91 -12.11 -4.02
CA ARG B 70 -9.80 -10.95 -3.86
C ARG B 70 -11.08 -11.12 -4.67
N MET B 71 -12.08 -10.30 -4.37
CA MET B 71 -13.35 -10.34 -5.10
C MET B 71 -13.15 -9.97 -6.56
N LYS B 72 -13.44 -10.92 -7.45
CA LYS B 72 -13.28 -10.73 -8.88
C LYS B 72 -14.62 -10.93 -9.62
N ALA B 73 -14.59 -10.72 -10.94
CA ALA B 73 -15.79 -10.77 -11.76
C ALA B 73 -16.44 -12.15 -11.84
N GLU B 74 -15.62 -13.19 -11.96
CA GLU B 74 -16.13 -14.57 -12.10
C GLU B 74 -16.66 -15.17 -10.79
N ASP B 75 -16.67 -14.36 -9.73
CA ASP B 75 -17.30 -14.74 -8.47
C ASP B 75 -18.82 -14.62 -8.57
N TYR B 76 -19.29 -13.89 -9.57
CA TYR B 76 -20.72 -13.66 -9.79
C TYR B 76 -21.26 -14.39 -11.02
N GLU B 77 -22.46 -14.93 -10.87
CA GLU B 77 -23.19 -15.56 -11.96
C GLU B 77 -24.22 -14.57 -12.51
N VAL B 78 -24.02 -14.12 -13.74
CA VAL B 78 -24.92 -13.18 -14.39
C VAL B 78 -26.25 -13.86 -14.77
N VAL B 79 -27.35 -13.32 -14.25
CA VAL B 79 -28.68 -13.86 -14.50
C VAL B 79 -29.30 -13.21 -15.75
N LYS B 80 -29.23 -11.88 -15.81
CA LYS B 80 -29.80 -11.11 -16.91
C LYS B 80 -29.32 -9.66 -16.91
N VAL B 81 -29.11 -9.11 -18.11
CA VAL B 81 -28.78 -7.69 -18.26
C VAL B 81 -30.06 -6.87 -18.07
N ILE B 82 -29.97 -5.83 -17.25
CA ILE B 82 -31.16 -5.04 -16.88
C ILE B 82 -31.05 -3.52 -17.13
N GLY B 83 -29.89 -3.07 -17.61
CA GLY B 83 -29.67 -1.66 -17.87
C GLY B 83 -28.38 -1.33 -18.59
N ARG B 84 -28.42 -0.31 -19.44
CA ARG B 84 -27.23 0.22 -20.10
C ARG B 84 -26.95 1.60 -19.53
N GLY B 85 -25.68 1.90 -19.26
CA GLY B 85 -25.32 3.16 -18.62
C GLY B 85 -24.05 3.81 -19.14
N ALA B 86 -24.09 4.24 -20.40
CA ALA B 86 -23.01 5.00 -21.05
C ALA B 86 -21.64 4.31 -21.09
N PHE B 87 -21.01 4.16 -19.92
CA PHE B 87 -19.69 3.55 -19.81
C PHE B 87 -19.73 2.04 -19.61
N GLY B 88 -20.94 1.49 -19.45
CA GLY B 88 -21.11 0.06 -19.26
C GLY B 88 -22.51 -0.34 -18.87
N GLU B 89 -22.74 -1.65 -18.82
CA GLU B 89 -24.06 -2.23 -18.55
C GLU B 89 -24.29 -2.55 -17.07
N VAL B 90 -25.56 -2.66 -16.69
CA VAL B 90 -25.96 -3.11 -15.37
C VAL B 90 -26.67 -4.46 -15.52
N GLN B 91 -26.20 -5.45 -14.75
CA GLN B 91 -26.71 -6.81 -14.87
C GLN B 91 -27.10 -7.42 -13.53
N LEU B 92 -28.27 -8.05 -13.49
CA LEU B 92 -28.71 -8.81 -12.33
C LEU B 92 -27.80 -10.01 -12.15
N VAL B 93 -27.13 -10.07 -11.00
CA VAL B 93 -26.17 -11.13 -10.71
C VAL B 93 -26.49 -11.86 -9.42
N ARG B 94 -26.10 -13.14 -9.36
CA ARG B 94 -26.17 -13.93 -8.15
C ARG B 94 -24.75 -14.35 -7.76
N HIS B 95 -24.37 -14.03 -6.52
CA HIS B 95 -23.06 -14.41 -5.99
C HIS B 95 -22.98 -15.93 -5.87
N LYS B 96 -22.07 -16.53 -6.63
CA LYS B 96 -21.92 -17.99 -6.69
C LYS B 96 -21.83 -18.66 -5.31
N SER B 97 -21.09 -18.03 -4.39
CA SER B 97 -20.86 -18.59 -3.07
C SER B 97 -22.03 -18.36 -2.11
N THR B 98 -22.40 -17.09 -1.91
CA THR B 98 -23.44 -16.73 -0.94
C THR B 98 -24.88 -16.87 -1.46
N ARG B 99 -25.00 -16.98 -2.78
CA ARG B 99 -26.30 -17.11 -3.48
C ARG B 99 -27.17 -15.84 -3.36
N LYS B 100 -26.58 -14.76 -2.89
CA LYS B 100 -27.27 -13.47 -2.73
C LYS B 100 -27.38 -12.75 -4.06
N VAL B 101 -28.53 -12.10 -4.28
CA VAL B 101 -28.83 -11.46 -5.56
C VAL B 101 -28.55 -9.96 -5.51
N TYR B 102 -27.80 -9.48 -6.52
CA TYR B 102 -27.42 -8.07 -6.60
C TYR B 102 -27.58 -7.52 -8.01
N ALA B 103 -27.48 -6.19 -8.13
CA ALA B 103 -27.38 -5.53 -9.42
C ALA B 103 -25.97 -4.95 -9.56
N MET B 104 -25.19 -5.51 -10.48
CA MET B 104 -23.80 -5.11 -10.67
C MET B 104 -23.64 -4.19 -11.87
N LYS B 105 -22.97 -3.05 -11.64
CA LYS B 105 -22.74 -2.05 -12.67
C LYS B 105 -21.29 -2.08 -13.16
N LEU B 106 -21.12 -2.33 -14.45
CA LEU B 106 -19.80 -2.35 -15.08
C LEU B 106 -19.48 -0.98 -15.68
N LEU B 107 -18.20 -0.60 -15.63
CA LEU B 107 -17.74 0.67 -16.19
C LEU B 107 -16.40 0.49 -16.91
N SER B 108 -16.40 0.72 -18.22
CA SER B 108 -15.21 0.52 -19.04
C SER B 108 -14.12 1.55 -18.77
N LYS B 109 -12.99 1.07 -18.26
CA LYS B 109 -11.84 1.91 -17.93
C LYS B 109 -11.31 2.66 -19.14
N PHE B 110 -11.12 1.94 -20.24
CA PHE B 110 -10.63 2.55 -21.48
C PHE B 110 -11.61 3.60 -22.00
N GLU B 111 -12.90 3.28 -21.96
CA GLU B 111 -13.95 4.17 -22.44
C GLU B 111 -14.02 5.47 -21.64
N MET B 112 -13.84 5.35 -20.31
CA MET B 112 -13.79 6.52 -19.44
C MET B 112 -12.61 7.42 -19.79
N ILE B 113 -11.41 6.85 -19.80
CA ILE B 113 -10.17 7.57 -20.16
C ILE B 113 -10.27 8.22 -21.54
N LYS B 114 -10.84 7.49 -22.50
CA LYS B 114 -11.03 7.97 -23.88
C LYS B 114 -11.69 9.34 -23.93
N ARG B 115 -12.86 9.46 -23.31
CA ARG B 115 -13.59 10.72 -23.26
C ARG B 115 -13.56 11.36 -21.87
N SER B 116 -12.34 11.65 -21.39
CA SER B 116 -12.09 12.29 -20.09
C SER B 116 -12.87 11.63 -18.94
N ASP B 117 -13.95 12.27 -18.51
CA ASP B 117 -14.89 11.76 -17.50
C ASP B 117 -14.42 10.49 -16.76
N SER B 118 -13.40 10.64 -15.92
CA SER B 118 -12.83 9.51 -15.17
C SER B 118 -12.57 9.87 -13.70
N ALA B 119 -13.55 10.55 -13.09
CA ALA B 119 -13.45 10.97 -11.70
C ALA B 119 -14.82 11.08 -11.03
N PHE B 120 -15.87 10.92 -11.84
CA PHE B 120 -17.26 11.03 -11.39
C PHE B 120 -17.67 9.89 -10.47
N PHE B 121 -17.04 8.73 -10.65
CA PHE B 121 -17.39 7.50 -9.92
C PHE B 121 -17.07 7.54 -8.42
N TRP B 122 -16.14 8.43 -8.04
CA TRP B 122 -15.76 8.59 -6.63
C TRP B 122 -16.91 9.09 -5.78
N GLU B 123 -17.65 10.06 -6.32
CA GLU B 123 -18.81 10.64 -5.64
C GLU B 123 -19.92 9.60 -5.50
N GLU B 124 -20.10 8.79 -6.55
CA GLU B 124 -21.11 7.74 -6.56
C GLU B 124 -20.77 6.59 -5.62
N ARG B 125 -19.50 6.23 -5.57
CA ARG B 125 -19.01 5.16 -4.69
C ARG B 125 -19.11 5.58 -3.22
N ASP B 126 -18.78 6.83 -2.94
CA ASP B 126 -18.79 7.38 -1.57
C ASP B 126 -20.20 7.50 -1.02
N ILE B 127 -21.14 7.96 -1.84
CA ILE B 127 -22.53 8.11 -1.43
C ILE B 127 -23.21 6.77 -1.18
N MET B 128 -23.20 5.90 -2.19
CA MET B 128 -23.87 4.60 -2.10
C MET B 128 -23.35 3.69 -1.00
N ALA B 129 -22.08 3.85 -0.62
CA ALA B 129 -21.44 3.00 0.38
C ALA B 129 -21.61 3.49 1.82
N PHE B 130 -21.78 4.79 2.01
CA PHE B 130 -21.82 5.38 3.35
C PHE B 130 -23.11 6.15 3.69
N ALA B 131 -23.95 6.39 2.68
CA ALA B 131 -25.20 7.13 2.88
C ALA B 131 -26.03 6.57 4.02
N ASN B 132 -26.09 5.24 4.10
CA ASN B 132 -26.86 4.52 5.12
C ASN B 132 -28.29 5.06 5.25
N SER B 133 -28.89 5.32 4.09
CA SER B 133 -30.22 5.91 4.01
C SER B 133 -31.17 5.00 3.23
N PRO B 134 -32.43 4.86 3.71
CA PRO B 134 -33.44 4.07 3.00
C PRO B 134 -33.87 4.72 1.68
N TRP B 135 -33.42 5.95 1.44
CA TRP B 135 -33.72 6.69 0.22
C TRP B 135 -32.60 6.55 -0.82
N VAL B 136 -31.51 5.91 -0.42
CA VAL B 136 -30.33 5.75 -1.28
C VAL B 136 -30.08 4.27 -1.56
N VAL B 137 -29.86 3.95 -2.83
CA VAL B 137 -29.47 2.59 -3.24
C VAL B 137 -28.10 2.25 -2.65
N GLN B 138 -28.05 1.15 -1.92
CA GLN B 138 -26.87 0.77 -1.14
C GLN B 138 -25.81 0.05 -1.96
N LEU B 139 -24.56 0.42 -1.76
CA LEU B 139 -23.42 -0.27 -2.36
C LEU B 139 -22.88 -1.28 -1.35
N PHE B 140 -22.78 -2.54 -1.77
CA PHE B 140 -22.26 -3.59 -0.90
C PHE B 140 -20.78 -3.86 -1.17
N TYR B 141 -20.43 -4.06 -2.44
CA TYR B 141 -19.07 -4.36 -2.84
C TYR B 141 -18.66 -3.60 -4.09
N ALA B 142 -17.45 -3.05 -4.06
CA ALA B 142 -16.88 -2.39 -5.23
C ALA B 142 -15.49 -2.95 -5.51
N PHE B 143 -15.34 -3.60 -6.67
CA PHE B 143 -14.05 -4.16 -7.07
C PHE B 143 -13.71 -3.81 -8.52
N GLN B 144 -12.55 -4.27 -8.97
CA GLN B 144 -12.05 -3.90 -10.30
C GLN B 144 -11.04 -4.91 -10.85
N ASP B 145 -10.78 -4.79 -12.16
CA ASP B 145 -9.65 -5.46 -12.80
C ASP B 145 -8.91 -4.43 -13.69
N ASP B 146 -8.30 -4.89 -14.78
CA ASP B 146 -7.54 -4.01 -15.66
C ASP B 146 -8.42 -3.31 -16.72
N ARG B 147 -9.71 -3.62 -16.72
CA ARG B 147 -10.60 -3.18 -17.80
C ARG B 147 -11.92 -2.54 -17.34
N TYR B 148 -12.51 -3.09 -16.28
CA TYR B 148 -13.81 -2.62 -15.79
C TYR B 148 -13.82 -2.30 -14.30
N LEU B 149 -14.63 -1.32 -13.92
CA LEU B 149 -14.99 -1.10 -12.52
C LEU B 149 -16.30 -1.82 -12.23
N TYR B 150 -16.45 -2.32 -11.02
CA TYR B 150 -17.63 -3.10 -10.65
C TYR B 150 -18.29 -2.57 -9.39
N MET B 151 -19.56 -2.20 -9.50
CA MET B 151 -20.33 -1.71 -8.34
C MET B 151 -21.49 -2.65 -8.03
N VAL B 152 -21.32 -3.43 -6.96
CA VAL B 152 -22.32 -4.39 -6.52
C VAL B 152 -23.34 -3.70 -5.62
N MET B 153 -24.45 -3.29 -6.22
CA MET B 153 -25.52 -2.57 -5.51
C MET B 153 -26.67 -3.51 -5.17
N GLU B 154 -27.60 -3.03 -4.35
CA GLU B 154 -28.83 -3.77 -4.06
C GLU B 154 -29.75 -3.76 -5.27
N TYR B 155 -30.41 -4.88 -5.52
CA TYR B 155 -31.33 -5.00 -6.64
C TYR B 155 -32.68 -4.38 -6.30
N MET B 156 -33.20 -3.58 -7.24
CA MET B 156 -34.49 -2.92 -7.10
C MET B 156 -35.50 -3.56 -8.06
N PRO B 157 -36.24 -4.58 -7.59
CA PRO B 157 -37.13 -5.37 -8.44
C PRO B 157 -38.38 -4.64 -8.93
N GLY B 158 -38.69 -3.50 -8.30
CA GLY B 158 -39.85 -2.70 -8.69
C GLY B 158 -39.68 -1.91 -9.97
N GLY B 159 -38.45 -1.83 -10.46
CA GLY B 159 -38.13 -1.09 -11.67
C GLY B 159 -38.01 0.40 -11.44
N ASP B 160 -37.84 1.16 -12.53
CA ASP B 160 -37.72 2.62 -12.44
C ASP B 160 -39.06 3.34 -12.64
N LEU B 161 -39.02 4.66 -12.53
CA LEU B 161 -40.22 5.49 -12.71
C LEU B 161 -40.58 5.76 -14.17
N VAL B 162 -39.60 5.59 -15.07
CA VAL B 162 -39.84 5.70 -16.52
C VAL B 162 -40.82 4.61 -16.95
N ASN B 163 -40.55 3.39 -16.48
CA ASN B 163 -41.41 2.23 -16.75
C ASN B 163 -42.82 2.38 -16.18
N LEU B 164 -42.91 3.03 -15.01
CA LEU B 164 -44.19 3.25 -14.33
C LEU B 164 -45.09 4.24 -15.09
N MET B 165 -44.50 5.38 -15.48
CA MET B 165 -45.24 6.44 -16.17
C MET B 165 -45.72 6.01 -17.56
N SER B 166 -45.01 5.06 -18.16
CA SER B 166 -45.35 4.54 -19.48
C SER B 166 -46.47 3.49 -19.43
N ASN B 167 -46.72 2.95 -18.24
CA ASN B 167 -47.74 1.92 -18.05
C ASN B 167 -48.99 2.39 -17.28
N TYR B 168 -48.93 3.62 -16.77
CA TYR B 168 -50.03 4.21 -16.03
C TYR B 168 -50.22 5.69 -16.37
N ASP B 169 -51.47 6.12 -16.44
CA ASP B 169 -51.80 7.55 -16.47
C ASP B 169 -51.85 8.02 -15.02
N VAL B 170 -50.67 8.40 -14.51
CA VAL B 170 -50.46 8.70 -13.09
C VAL B 170 -51.49 9.67 -12.51
N PRO B 171 -52.30 9.20 -11.53
CA PRO B 171 -53.21 10.07 -10.78
C PRO B 171 -52.44 10.93 -9.78
N GLU B 172 -53.10 11.98 -9.28
CA GLU B 172 -52.46 12.94 -8.37
C GLU B 172 -51.94 12.34 -7.07
N LYS B 173 -52.75 11.45 -6.47
CA LYS B 173 -52.38 10.79 -5.20
C LYS B 173 -51.04 10.08 -5.32
N TRP B 174 -50.84 9.43 -6.47
CA TRP B 174 -49.58 8.75 -6.79
C TRP B 174 -48.47 9.77 -6.99
N ALA B 175 -48.74 10.78 -7.80
CA ALA B 175 -47.79 11.85 -8.08
C ALA B 175 -47.30 12.53 -6.80
N ARG B 176 -48.25 12.82 -5.90
CA ARG B 176 -47.95 13.40 -4.60
C ARG B 176 -47.02 12.51 -3.78
N PHE B 177 -47.33 11.22 -3.76
CA PHE B 177 -46.52 10.22 -3.06
C PHE B 177 -45.09 10.18 -3.61
N TYR B 178 -44.97 10.02 -4.92
CA TYR B 178 -43.67 9.89 -5.59
C TYR B 178 -42.84 11.18 -5.55
N THR B 179 -43.51 12.32 -5.62
CA THR B 179 -42.84 13.63 -5.49
C THR B 179 -42.28 13.79 -4.08
N ALA B 180 -43.09 13.44 -3.08
CA ALA B 180 -42.72 13.56 -1.67
C ALA B 180 -41.55 12.66 -1.28
N GLU B 181 -41.49 11.48 -1.91
CA GLU B 181 -40.39 10.54 -1.68
C GLU B 181 -39.09 11.01 -2.33
N VAL B 182 -39.21 11.74 -3.44
CA VAL B 182 -38.07 12.36 -4.11
C VAL B 182 -37.54 13.53 -3.29
N VAL B 183 -38.46 14.37 -2.79
CA VAL B 183 -38.12 15.50 -1.94
C VAL B 183 -37.31 15.06 -0.71
N LEU B 184 -37.77 14.00 -0.05
CA LEU B 184 -37.08 13.44 1.11
C LEU B 184 -35.76 12.77 0.73
N ALA B 185 -35.74 12.13 -0.44
CA ALA B 185 -34.54 11.44 -0.95
C ALA B 185 -33.43 12.42 -1.31
N LEU B 186 -33.81 13.51 -1.98
CA LEU B 186 -32.87 14.58 -2.33
C LEU B 186 -32.39 15.35 -1.11
N ASP B 187 -33.29 15.53 -0.14
CA ASP B 187 -32.97 16.18 1.13
C ASP B 187 -31.91 15.40 1.91
N ALA B 188 -31.98 14.07 1.81
CA ALA B 188 -30.98 13.18 2.42
C ALA B 188 -29.63 13.28 1.70
N ILE B 189 -29.69 13.52 0.39
CA ILE B 189 -28.48 13.70 -0.43
C ILE B 189 -27.84 15.08 -0.16
N HIS B 190 -28.68 16.09 0.05
CA HIS B 190 -28.21 17.43 0.40
C HIS B 190 -27.57 17.46 1.79
N SER B 191 -28.13 16.67 2.72
CA SER B 191 -27.66 16.60 4.10
C SER B 191 -26.26 16.00 4.20
N MET B 192 -25.93 15.11 3.25
CA MET B 192 -24.60 14.54 3.14
C MET B 192 -23.60 15.56 2.58
N GLY B 193 -24.13 16.60 1.93
CA GLY B 193 -23.33 17.67 1.37
C GLY B 193 -23.16 17.56 -0.14
N PHE B 194 -24.24 17.22 -0.83
CA PHE B 194 -24.21 17.01 -2.28
C PHE B 194 -25.36 17.68 -3.03
N ILE B 195 -25.06 18.11 -4.24
CA ILE B 195 -26.08 18.53 -5.21
C ILE B 195 -26.14 17.45 -6.28
N HIS B 196 -27.32 16.88 -6.50
CA HIS B 196 -27.49 15.76 -7.42
C HIS B 196 -27.21 16.13 -8.87
N ARG B 197 -27.74 17.27 -9.31
CA ARG B 197 -27.53 17.80 -10.67
C ARG B 197 -28.17 17.00 -11.81
N ASP B 198 -28.65 15.80 -11.50
CA ASP B 198 -29.26 14.92 -12.52
C ASP B 198 -30.44 14.13 -11.95
N VAL B 199 -31.47 14.84 -11.51
CA VAL B 199 -32.68 14.20 -10.97
C VAL B 199 -33.67 13.92 -12.10
N LYS B 200 -33.94 12.64 -12.32
CA LYS B 200 -34.85 12.19 -13.38
C LYS B 200 -35.41 10.80 -13.08
N PRO B 201 -36.58 10.45 -13.67
CA PRO B 201 -37.23 9.15 -13.47
C PRO B 201 -36.35 7.94 -13.78
N ASP B 202 -35.32 8.13 -14.62
CA ASP B 202 -34.36 7.09 -14.94
C ASP B 202 -33.53 6.69 -13.72
N ASN B 203 -33.30 7.67 -12.83
CA ASN B 203 -32.49 7.48 -11.64
C ASN B 203 -33.29 7.08 -10.39
N MET B 204 -34.62 7.09 -10.52
CA MET B 204 -35.51 6.76 -9.40
C MET B 204 -36.01 5.33 -9.54
N LEU B 205 -35.62 4.47 -8.58
CA LEU B 205 -36.00 3.07 -8.61
C LEU B 205 -36.88 2.69 -7.42
N LEU B 206 -37.74 1.68 -7.63
CA LEU B 206 -38.63 1.19 -6.57
C LEU B 206 -38.16 -0.17 -6.04
N ASP B 207 -38.30 -0.35 -4.73
CA ASP B 207 -37.94 -1.62 -4.09
C ASP B 207 -39.08 -2.65 -4.20
N LYS B 208 -38.93 -3.77 -3.49
CA LYS B 208 -39.91 -4.86 -3.50
C LYS B 208 -41.28 -4.44 -2.92
N SER B 209 -41.29 -3.32 -2.21
CA SER B 209 -42.53 -2.76 -1.65
C SER B 209 -43.06 -1.59 -2.48
N GLY B 210 -42.28 -1.18 -3.48
CA GLY B 210 -42.66 -0.09 -4.37
C GLY B 210 -42.32 1.30 -3.84
N HIS B 211 -41.35 1.36 -2.93
CA HIS B 211 -40.88 2.63 -2.37
C HIS B 211 -39.64 3.14 -3.08
N LEU B 212 -39.56 4.46 -3.22
CA LEU B 212 -38.54 5.11 -4.04
C LEU B 212 -37.15 5.15 -3.41
N LYS B 213 -36.14 4.97 -4.26
CA LYS B 213 -34.74 5.13 -3.88
C LYS B 213 -34.00 5.81 -5.02
N LEU B 214 -33.14 6.77 -4.70
CA LEU B 214 -32.28 7.38 -5.71
C LEU B 214 -31.12 6.45 -6.04
N ALA B 215 -30.99 6.12 -7.31
CA ALA B 215 -29.90 5.30 -7.82
C ALA B 215 -29.10 6.10 -8.83
N ASP B 216 -27.83 5.73 -9.00
CA ASP B 216 -26.92 6.40 -9.94
C ASP B 216 -26.64 7.86 -9.55
N PHE B 217 -25.47 8.07 -8.95
CA PHE B 217 -25.06 9.39 -8.47
C PHE B 217 -23.80 9.86 -9.20
N GLY B 218 -23.72 9.52 -10.49
CA GLY B 218 -22.54 9.81 -11.31
C GLY B 218 -22.26 11.27 -11.61
N THR B 219 -23.16 12.15 -11.19
CA THR B 219 -23.01 13.59 -11.46
C THR B 219 -23.10 14.44 -10.17
N CYS B 220 -23.13 13.78 -9.02
CA CYS B 220 -23.17 14.47 -7.73
C CYS B 220 -21.83 15.16 -7.43
N MET B 221 -21.91 16.32 -6.78
CA MET B 221 -20.71 17.08 -6.42
C MET B 221 -20.79 17.63 -5.00
N LYS B 222 -19.63 17.72 -4.35
CA LYS B 222 -19.53 18.22 -2.98
C LYS B 222 -19.67 19.74 -2.96
N MET B 223 -20.59 20.22 -2.14
CA MET B 223 -20.84 21.65 -1.97
C MET B 223 -19.71 22.30 -1.18
N ASN B 224 -19.33 23.52 -1.58
CA ASN B 224 -18.28 24.26 -0.87
C ASN B 224 -18.77 24.89 0.44
N LYS B 225 -18.03 25.87 0.94
CA LYS B 225 -18.34 26.55 2.21
C LYS B 225 -19.76 27.11 2.27
N GLU B 226 -20.20 27.73 1.17
CA GLU B 226 -21.50 28.38 1.11
C GLU B 226 -22.61 27.43 0.64
N GLY B 227 -22.25 26.18 0.41
CA GLY B 227 -23.19 25.16 -0.06
C GLY B 227 -23.48 25.28 -1.55
N MET B 228 -22.46 25.67 -2.31
CA MET B 228 -22.57 25.85 -3.76
C MET B 228 -21.49 25.06 -4.48
N VAL B 229 -21.59 24.98 -5.81
CA VAL B 229 -20.60 24.25 -6.62
C VAL B 229 -20.42 24.85 -8.02
N ARG B 230 -19.15 24.92 -8.45
CA ARG B 230 -18.80 25.28 -9.82
C ARG B 230 -18.70 24.01 -10.66
N CYS B 231 -18.95 24.14 -11.97
CA CYS B 231 -18.86 23.01 -12.90
C CYS B 231 -18.85 23.45 -14.37
N ASP B 232 -18.35 22.56 -15.23
CA ASP B 232 -18.31 22.76 -16.68
C ASP B 232 -18.26 21.42 -17.41
N THR B 233 -19.42 20.97 -17.90
CA THR B 233 -19.51 19.67 -18.58
C THR B 233 -20.61 19.68 -19.64
N ALA B 234 -20.31 19.07 -20.80
CA ALA B 234 -21.28 18.90 -21.86
C ALA B 234 -22.48 18.07 -21.37
N VAL B 235 -23.58 18.77 -21.13
CA VAL B 235 -24.78 18.17 -20.53
C VAL B 235 -25.51 17.22 -21.47
N GLY B 236 -25.90 16.07 -20.93
CA GLY B 236 -26.64 15.06 -21.68
C GLY B 236 -28.12 15.09 -21.34
N THR B 237 -28.97 15.24 -22.37
CA THR B 237 -30.42 15.36 -22.24
C THR B 237 -30.85 16.48 -21.26
N PRO B 238 -31.00 17.71 -21.78
CA PRO B 238 -31.31 18.87 -20.94
C PRO B 238 -32.74 18.92 -20.37
N ASP B 239 -33.54 17.90 -20.67
CA ASP B 239 -34.96 17.85 -20.27
C ASP B 239 -35.23 18.21 -18.81
N TYR B 240 -34.44 17.64 -17.90
CA TYR B 240 -34.65 17.81 -16.46
C TYR B 240 -33.67 18.81 -15.83
N ILE B 241 -32.69 19.24 -16.63
CA ILE B 241 -31.64 20.16 -16.17
C ILE B 241 -32.16 21.60 -16.06
N SER B 242 -31.72 22.28 -15.00
CA SER B 242 -32.14 23.64 -14.68
C SER B 242 -31.45 24.71 -15.54
N PRO B 243 -32.03 25.93 -15.60
CA PRO B 243 -31.42 27.05 -16.32
C PRO B 243 -29.99 27.42 -15.87
N GLU B 244 -29.75 27.39 -14.55
CA GLU B 244 -28.46 27.82 -13.99
C GLU B 244 -27.33 26.87 -14.37
N VAL B 245 -27.59 25.57 -14.29
CA VAL B 245 -26.63 24.54 -14.69
C VAL B 245 -26.34 24.63 -16.20
N LEU B 246 -27.38 24.98 -16.97
CA LEU B 246 -27.24 25.17 -18.41
C LEU B 246 -26.50 26.45 -18.77
N LYS B 247 -26.68 27.50 -17.96
CA LYS B 247 -25.96 28.76 -18.14
C LYS B 247 -24.51 28.66 -17.64
N SER B 248 -24.14 27.48 -17.13
CA SER B 248 -22.80 27.23 -16.62
C SER B 248 -22.05 26.26 -17.54
N GLN B 249 -22.00 26.59 -18.84
CA GLN B 249 -21.30 25.78 -19.83
C GLN B 249 -19.81 26.14 -19.93
N GLY B 250 -19.12 26.11 -18.79
CA GLY B 250 -17.68 26.39 -18.78
C GLY B 250 -17.15 27.02 -17.50
N GLY B 251 -17.71 26.63 -16.36
CA GLY B 251 -17.26 27.12 -15.06
C GLY B 251 -17.55 28.59 -14.84
N ASP B 252 -18.31 29.18 -15.76
CA ASP B 252 -18.68 30.59 -15.71
C ASP B 252 -19.97 30.81 -14.91
N GLY B 253 -20.03 30.19 -13.72
CA GLY B 253 -21.18 30.31 -12.86
C GLY B 253 -21.22 29.31 -11.71
N TYR B 254 -21.62 29.80 -10.54
CA TYR B 254 -21.81 28.97 -9.35
C TYR B 254 -23.30 28.83 -9.08
N TYR B 255 -23.72 27.61 -8.73
CA TYR B 255 -25.13 27.34 -8.40
C TYR B 255 -25.29 26.51 -7.13
N GLY B 256 -26.42 26.69 -6.45
CA GLY B 256 -26.73 25.97 -5.22
C GLY B 256 -27.54 24.71 -5.45
N ARG B 257 -28.22 24.26 -4.40
CA ARG B 257 -29.01 23.03 -4.43
C ARG B 257 -30.39 23.20 -5.07
N GLU B 258 -30.77 24.45 -5.32
CA GLU B 258 -32.07 24.78 -5.92
C GLU B 258 -32.23 24.25 -7.35
N CYS B 259 -31.12 23.86 -7.96
CA CYS B 259 -31.14 23.24 -9.28
C CYS B 259 -31.73 21.82 -9.24
N ASP B 260 -31.64 21.18 -8.09
CA ASP B 260 -32.25 19.87 -7.86
C ASP B 260 -33.78 19.98 -7.76
N TRP B 261 -34.26 21.06 -7.15
CA TRP B 261 -35.69 21.27 -6.95
C TRP B 261 -36.41 21.64 -8.24
N TRP B 262 -35.69 22.28 -9.16
CA TRP B 262 -36.19 22.55 -10.50
C TRP B 262 -36.51 21.23 -11.20
N SER B 263 -35.60 20.26 -11.07
CA SER B 263 -35.75 18.94 -11.66
C SER B 263 -36.94 18.17 -11.09
N VAL B 264 -37.25 18.43 -9.82
CA VAL B 264 -38.42 17.85 -9.15
C VAL B 264 -39.71 18.40 -9.77
N GLY B 265 -39.69 19.68 -10.12
CA GLY B 265 -40.83 20.33 -10.79
C GLY B 265 -41.07 19.78 -12.18
N VAL B 266 -39.98 19.52 -12.91
CA VAL B 266 -40.04 18.88 -14.22
C VAL B 266 -40.59 17.45 -14.08
N PHE B 267 -40.17 16.78 -13.01
CA PHE B 267 -40.63 15.43 -12.69
C PHE B 267 -42.13 15.36 -12.39
N LEU B 268 -42.63 16.36 -11.67
CA LEU B 268 -44.06 16.43 -11.33
C LEU B 268 -44.90 16.74 -12.56
N TYR B 269 -44.42 17.68 -13.38
CA TYR B 269 -45.10 18.07 -14.61
C TYR B 269 -45.28 16.89 -15.55
N GLU B 270 -44.24 16.08 -15.70
CA GLU B 270 -44.26 14.91 -16.59
C GLU B 270 -45.24 13.84 -16.12
N MET B 271 -45.30 13.62 -14.80
CA MET B 271 -46.21 12.63 -14.22
C MET B 271 -47.69 12.95 -14.48
N LEU B 272 -48.00 14.24 -14.50
CA LEU B 272 -49.38 14.70 -14.67
C LEU B 272 -49.77 14.97 -16.13
N VAL B 273 -48.89 15.65 -16.86
CA VAL B 273 -49.15 15.99 -18.27
C VAL B 273 -48.89 14.78 -19.17
N GLY B 274 -47.79 14.07 -18.92
CA GLY B 274 -47.40 12.93 -19.75
C GLY B 274 -46.22 13.25 -20.66
N ASP B 275 -45.77 14.51 -20.59
CA ASP B 275 -44.65 14.98 -21.39
C ASP B 275 -43.77 15.94 -20.59
N THR B 276 -42.51 16.06 -21.00
CA THR B 276 -41.58 17.03 -20.41
C THR B 276 -41.95 18.44 -20.84
N PRO B 277 -41.90 19.42 -19.90
CA PRO B 277 -42.38 20.78 -20.14
C PRO B 277 -41.65 21.57 -21.22
N PHE B 278 -40.39 21.20 -21.50
CA PHE B 278 -39.58 21.94 -22.46
C PHE B 278 -39.04 21.06 -23.57
N TYR B 279 -39.86 20.09 -23.99
CA TYR B 279 -39.49 19.12 -25.01
C TYR B 279 -39.35 19.73 -26.40
N ALA B 280 -38.38 19.20 -27.16
CA ALA B 280 -38.20 19.56 -28.57
C ALA B 280 -37.51 18.42 -29.32
N ASP B 281 -37.64 18.45 -30.65
CA ASP B 281 -37.06 17.42 -31.54
C ASP B 281 -35.55 17.35 -31.44
N SER B 282 -34.90 18.52 -31.39
CA SER B 282 -33.45 18.61 -31.27
C SER B 282 -33.05 18.93 -29.83
N LEU B 283 -31.81 18.62 -29.48
CA LEU B 283 -31.27 18.87 -28.14
C LEU B 283 -31.14 20.37 -27.85
N VAL B 284 -30.80 21.14 -28.89
CA VAL B 284 -30.68 22.60 -28.78
C VAL B 284 -32.05 23.28 -28.65
N GLY B 285 -33.09 22.60 -29.13
CA GLY B 285 -34.46 23.08 -29.02
C GLY B 285 -34.97 23.00 -27.59
N THR B 286 -34.65 21.89 -26.92
CA THR B 286 -34.97 21.69 -25.51
C THR B 286 -34.30 22.78 -24.67
N TYR B 287 -33.00 22.97 -24.90
CA TYR B 287 -32.21 24.00 -24.24
C TYR B 287 -32.82 25.39 -24.41
N SER B 288 -33.17 25.73 -25.65
CA SER B 288 -33.74 27.04 -25.98
C SER B 288 -35.06 27.30 -25.25
N LYS B 289 -35.85 26.24 -25.08
CA LYS B 289 -37.13 26.32 -24.38
C LYS B 289 -36.97 26.41 -22.86
N ILE B 290 -35.91 25.82 -22.32
CA ILE B 290 -35.60 25.88 -20.88
C ILE B 290 -35.14 27.29 -20.50
N MET B 291 -34.31 27.89 -21.35
CA MET B 291 -33.85 29.28 -21.15
C MET B 291 -35.04 30.24 -21.22
N ASN B 292 -35.93 29.98 -22.17
CA ASN B 292 -37.15 30.76 -22.35
C ASN B 292 -38.33 30.14 -21.61
N HIS B 293 -38.07 29.60 -20.42
CA HIS B 293 -39.09 28.93 -19.61
C HIS B 293 -40.17 29.89 -19.11
N LYS B 294 -39.82 31.17 -19.03
CA LYS B 294 -40.75 32.22 -18.61
C LYS B 294 -41.93 32.32 -19.57
N ASN B 295 -41.71 31.92 -20.82
CA ASN B 295 -42.73 32.01 -21.86
C ASN B 295 -43.09 30.67 -22.52
N SER B 296 -42.28 29.64 -22.29
CA SER B 296 -42.51 28.32 -22.90
C SER B 296 -43.28 27.35 -22.01
N LEU B 297 -43.23 27.57 -20.70
CA LEU B 297 -43.93 26.70 -19.74
C LEU B 297 -45.43 26.94 -19.80
N THR B 298 -46.15 25.97 -20.35
CA THR B 298 -47.61 26.03 -20.49
C THR B 298 -48.27 24.76 -19.98
N PHE B 299 -49.60 24.81 -19.82
CA PHE B 299 -50.39 23.68 -19.35
C PHE B 299 -51.47 23.33 -20.37
N PRO B 300 -51.87 22.03 -20.43
CA PRO B 300 -52.91 21.61 -21.37
C PRO B 300 -54.28 22.25 -21.07
N ASP B 301 -55.13 22.33 -22.09
CA ASP B 301 -56.43 22.99 -21.96
C ASP B 301 -57.49 22.07 -21.35
N ASP B 302 -57.07 21.24 -20.41
CA ASP B 302 -57.96 20.41 -19.62
C ASP B 302 -57.52 20.49 -18.16
N ASN B 303 -58.42 20.99 -17.31
CA ASN B 303 -58.11 21.24 -15.90
C ASN B 303 -58.02 19.98 -15.03
N ASP B 304 -57.51 18.89 -15.62
CA ASP B 304 -57.26 17.64 -14.89
C ASP B 304 -56.26 17.87 -13.76
N ILE B 305 -55.24 18.68 -14.04
CA ILE B 305 -54.26 19.10 -13.05
C ILE B 305 -54.90 20.15 -12.14
N SER B 306 -54.82 19.92 -10.84
CA SER B 306 -55.43 20.83 -9.85
C SER B 306 -54.63 22.12 -9.67
N LYS B 307 -55.19 23.05 -8.91
CA LYS B 307 -54.56 24.34 -8.63
C LYS B 307 -53.22 24.20 -7.92
N GLU B 308 -53.20 23.38 -6.87
CA GLU B 308 -52.00 23.16 -6.05
C GLU B 308 -50.86 22.51 -6.83
N ALA B 309 -51.22 21.59 -7.72
CA ALA B 309 -50.25 20.92 -8.58
C ALA B 309 -49.61 21.90 -9.56
N LYS B 310 -50.43 22.76 -10.14
CA LYS B 310 -49.95 23.85 -11.00
C LYS B 310 -49.08 24.84 -10.21
N ASN B 311 -49.53 25.17 -8.99
CA ASN B 311 -48.80 26.07 -8.10
C ASN B 311 -47.41 25.56 -7.76
N LEU B 312 -47.30 24.26 -7.48
CA LEU B 312 -46.03 23.65 -7.10
C LEU B 312 -45.07 23.55 -8.30
N ILE B 313 -45.61 23.14 -9.45
CA ILE B 313 -44.84 23.05 -10.69
C ILE B 313 -44.26 24.42 -11.06
N CYS B 314 -45.09 25.46 -10.98
CA CYS B 314 -44.67 26.83 -11.27
C CYS B 314 -43.70 27.39 -10.24
N ALA B 315 -43.84 26.95 -8.99
CA ALA B 315 -42.92 27.35 -7.91
C ALA B 315 -41.54 26.75 -8.09
N PHE B 316 -41.50 25.52 -8.62
CA PHE B 316 -40.24 24.84 -8.93
C PHE B 316 -39.65 25.27 -10.28
N LEU B 317 -40.52 25.66 -11.20
CA LEU B 317 -40.07 26.02 -12.55
C LEU B 317 -39.98 27.54 -12.76
N THR B 318 -39.15 28.17 -11.93
CA THR B 318 -38.86 29.59 -12.04
C THR B 318 -37.38 29.85 -11.75
N ASP B 319 -36.96 31.12 -11.83
CA ASP B 319 -35.58 31.51 -11.60
C ASP B 319 -35.12 31.17 -10.18
N ARG B 320 -33.85 30.79 -10.07
CA ARG B 320 -33.20 30.37 -8.81
C ARG B 320 -33.49 31.29 -7.62
N GLU B 321 -33.56 32.59 -7.89
CA GLU B 321 -33.69 33.62 -6.86
C GLU B 321 -35.07 33.65 -6.17
N VAL B 322 -36.09 33.13 -6.84
CA VAL B 322 -37.46 33.12 -6.31
C VAL B 322 -37.97 31.68 -6.13
N ARG B 323 -37.21 30.72 -6.65
CA ARG B 323 -37.61 29.31 -6.66
C ARG B 323 -37.88 28.74 -5.27
N LEU B 324 -38.93 27.92 -5.17
CA LEU B 324 -39.29 27.26 -3.92
C LEU B 324 -38.22 26.25 -3.52
N GLY B 325 -37.80 26.33 -2.27
CA GLY B 325 -36.73 25.48 -1.75
C GLY B 325 -35.43 26.23 -1.51
N ARG B 326 -35.43 27.52 -1.84
CA ARG B 326 -34.27 28.38 -1.63
C ARG B 326 -34.10 28.71 -0.13
N ASN B 327 -35.22 28.76 0.58
CA ASN B 327 -35.24 29.06 2.01
C ASN B 327 -35.26 27.79 2.86
N GLY B 328 -34.87 26.68 2.25
CA GLY B 328 -34.86 25.38 2.93
C GLY B 328 -35.88 24.41 2.38
N VAL B 329 -35.77 23.15 2.81
CA VAL B 329 -36.66 22.08 2.33
C VAL B 329 -38.04 22.10 2.99
N GLU B 330 -38.12 22.71 4.17
CA GLU B 330 -39.35 22.71 4.97
C GLU B 330 -40.52 23.48 4.34
N GLU B 331 -40.20 24.46 3.49
CA GLU B 331 -41.24 25.23 2.79
C GLU B 331 -41.83 24.46 1.60
N ILE B 332 -41.08 23.50 1.08
CA ILE B 332 -41.56 22.57 0.05
C ILE B 332 -42.55 21.58 0.69
N LYS B 333 -42.19 21.11 1.88
CA LYS B 333 -43.03 20.17 2.63
C LYS B 333 -44.34 20.81 3.10
N ARG B 334 -44.27 22.10 3.43
CA ARG B 334 -45.44 22.85 3.90
C ARG B 334 -46.43 23.22 2.79
N HIS B 335 -46.08 22.90 1.55
CA HIS B 335 -46.94 23.21 0.39
C HIS B 335 -48.26 22.44 0.45
N LEU B 336 -49.32 23.07 -0.06
CA LEU B 336 -50.68 22.52 -0.03
C LEU B 336 -50.90 21.32 -0.95
N PHE B 337 -50.03 21.16 -1.95
CA PHE B 337 -50.10 20.02 -2.86
C PHE B 337 -49.88 18.70 -2.11
N PHE B 338 -49.00 18.74 -1.12
CA PHE B 338 -48.66 17.56 -0.32
C PHE B 338 -49.68 17.30 0.80
N LYS B 339 -50.59 18.26 1.02
CA LYS B 339 -51.64 18.12 2.03
C LYS B 339 -52.57 16.96 1.69
N ASN B 340 -52.47 15.88 2.48
CA ASN B 340 -53.24 14.66 2.23
C ASN B 340 -53.74 14.00 3.52
N ASP B 341 -54.45 12.89 3.36
CA ASP B 341 -54.97 12.11 4.50
C ASP B 341 -54.59 10.63 4.42
N GLN B 342 -53.40 10.34 3.91
CA GLN B 342 -52.94 8.97 3.76
C GLN B 342 -51.62 8.75 4.50
N TRP B 343 -50.81 9.80 4.57
CA TRP B 343 -49.47 9.73 5.16
C TRP B 343 -48.98 11.06 5.73
N ALA B 344 -47.96 10.98 6.57
CA ALA B 344 -47.20 12.15 7.04
C ALA B 344 -45.74 11.97 6.68
N TRP B 345 -45.04 13.08 6.46
CA TRP B 345 -43.64 13.09 6.01
C TRP B 345 -42.72 12.18 6.82
N GLU B 346 -42.81 12.27 8.14
CA GLU B 346 -41.97 11.50 9.06
C GLU B 346 -42.27 9.99 9.06
N THR B 347 -43.43 9.62 8.52
CA THR B 347 -43.86 8.22 8.47
C THR B 347 -44.26 7.77 7.06
N LEU B 348 -43.81 8.51 6.05
CA LEU B 348 -44.18 8.27 4.65
C LEU B 348 -43.70 6.92 4.11
N ARG B 349 -42.43 6.58 4.37
CA ARG B 349 -41.85 5.35 3.83
C ARG B 349 -42.32 4.08 4.57
N ASP B 350 -43.17 4.28 5.57
CA ASP B 350 -43.76 3.16 6.32
C ASP B 350 -45.17 2.84 5.83
N THR B 351 -45.76 3.76 5.06
CA THR B 351 -47.10 3.55 4.50
C THR B 351 -47.05 2.66 3.26
N VAL B 352 -48.21 2.12 2.88
CA VAL B 352 -48.32 1.27 1.70
C VAL B 352 -48.21 2.09 0.41
N ALA B 353 -47.28 1.68 -0.46
CA ALA B 353 -47.03 2.37 -1.72
C ALA B 353 -48.18 2.18 -2.71
N PRO B 354 -48.39 3.17 -3.61
CA PRO B 354 -49.45 3.09 -4.63
C PRO B 354 -49.33 1.89 -5.56
N VAL B 355 -48.09 1.49 -5.86
CA VAL B 355 -47.85 0.31 -6.69
C VAL B 355 -46.88 -0.65 -6.00
N VAL B 356 -47.44 -1.69 -5.37
CA VAL B 356 -46.63 -2.75 -4.77
C VAL B 356 -46.41 -3.84 -5.82
N PRO B 357 -45.13 -4.09 -6.19
CA PRO B 357 -44.82 -5.08 -7.21
C PRO B 357 -45.05 -6.52 -6.76
N ASP B 358 -45.58 -7.33 -7.66
CA ASP B 358 -45.83 -8.75 -7.40
C ASP B 358 -44.70 -9.57 -8.02
N LEU B 359 -43.87 -10.16 -7.16
CA LEU B 359 -42.66 -10.85 -7.60
C LEU B 359 -42.78 -12.38 -7.49
N SER B 360 -42.31 -13.06 -8.53
CA SER B 360 -42.37 -14.52 -8.60
C SER B 360 -41.21 -15.18 -7.85
N SER B 361 -40.00 -14.64 -8.04
CA SER B 361 -38.80 -15.14 -7.39
C SER B 361 -37.88 -13.98 -6.99
N ASP B 362 -36.73 -14.30 -6.40
CA ASP B 362 -35.74 -13.29 -6.05
C ASP B 362 -35.03 -12.71 -7.29
N ILE B 363 -35.26 -13.36 -8.43
CA ILE B 363 -34.68 -12.93 -9.71
C ILE B 363 -35.74 -12.52 -10.73
N ASP B 364 -36.92 -12.12 -10.26
CA ASP B 364 -38.01 -11.67 -11.13
C ASP B 364 -37.68 -10.31 -11.73
N THR B 365 -37.26 -10.32 -12.99
CA THR B 365 -36.90 -9.10 -13.73
C THR B 365 -38.00 -8.67 -14.70
N SER B 366 -39.25 -8.79 -14.25
CA SER B 366 -40.41 -8.47 -15.09
C SER B 366 -40.60 -6.96 -15.29
N ASN B 367 -40.15 -6.17 -14.32
CA ASN B 367 -40.28 -4.71 -14.38
C ASN B 367 -39.16 -4.03 -15.17
N PHE B 368 -38.29 -4.84 -15.78
CA PHE B 368 -37.20 -4.33 -16.60
C PHE B 368 -37.33 -4.81 -18.04
N ASP B 369 -37.30 -3.87 -18.98
CA ASP B 369 -37.34 -4.18 -20.41
C ASP B 369 -36.12 -4.98 -20.83
N ASP B 370 -36.32 -5.90 -21.78
CA ASP B 370 -35.23 -6.67 -22.36
C ASP B 370 -34.28 -5.77 -23.13
N LEU B 371 -32.98 -5.95 -22.89
CA LEU B 371 -31.96 -5.19 -23.61
C LEU B 371 -31.42 -5.99 -24.78
N GLU B 372 -31.25 -5.29 -25.91
CA GLU B 372 -30.79 -5.87 -27.17
C GLU B 372 -29.49 -6.65 -27.00
N GLU B 373 -28.37 -5.94 -27.17
CA GLU B 373 -27.01 -6.49 -27.11
C GLU B 373 -26.13 -5.61 -27.97
N ASP B 374 -25.00 -5.16 -27.41
CA ASP B 374 -24.07 -4.28 -28.10
C ASP B 374 -23.59 -4.85 -29.43
N LYS B 375 -23.38 -6.17 -29.46
CA LYS B 375 -22.81 -6.88 -30.62
C LYS B 375 -21.49 -6.26 -31.08
N GLY B 376 -20.94 -5.38 -30.23
CA GLY B 376 -19.72 -4.65 -30.54
C GLY B 376 -18.63 -4.94 -29.53
N GLU B 377 -17.49 -5.39 -30.04
CA GLU B 377 -16.31 -5.67 -29.22
C GLU B 377 -15.71 -4.38 -28.65
N GLU B 378 -15.32 -4.44 -27.38
CA GLU B 378 -14.80 -3.27 -26.68
C GLU B 378 -13.36 -2.97 -27.04
N GLU B 379 -13.05 -1.68 -27.19
CA GLU B 379 -11.70 -1.22 -27.50
C GLU B 379 -10.75 -1.38 -26.32
N THR B 380 -9.51 -1.77 -26.63
CA THR B 380 -8.48 -1.97 -25.62
C THR B 380 -7.42 -0.87 -25.68
N PHE B 381 -6.43 -0.95 -24.78
CA PHE B 381 -5.31 -0.01 -24.75
C PHE B 381 -4.20 -0.43 -25.71
N PRO B 382 -3.52 0.54 -26.35
CA PRO B 382 -2.33 0.22 -27.13
C PRO B 382 -1.13 -0.03 -26.21
N ILE B 383 -0.25 -0.94 -26.61
CA ILE B 383 0.94 -1.28 -25.83
C ILE B 383 1.89 -0.09 -25.75
N PRO B 384 2.12 0.43 -24.53
CA PRO B 384 2.89 1.66 -24.33
C PRO B 384 4.39 1.48 -24.56
N LYS B 385 5.01 2.54 -25.07
CA LYS B 385 6.46 2.60 -25.25
C LYS B 385 7.08 3.41 -24.11
N ALA B 386 6.22 3.93 -23.24
CA ALA B 386 6.62 4.66 -22.05
C ALA B 386 5.63 4.35 -20.90
N PHE B 387 5.62 5.18 -19.87
CA PHE B 387 4.70 5.00 -18.75
C PHE B 387 3.50 5.94 -18.87
N VAL B 388 2.40 5.41 -19.39
CA VAL B 388 1.15 6.17 -19.56
C VAL B 388 0.37 6.25 -18.24
N GLY B 389 0.35 5.16 -17.49
CA GLY B 389 -0.31 5.11 -16.19
C GLY B 389 -1.83 5.12 -16.27
N ASN B 390 -2.39 4.19 -17.05
CA ASN B 390 -3.83 4.09 -17.22
C ASN B 390 -4.52 3.17 -16.20
N GLN B 391 -4.18 3.37 -14.93
CA GLN B 391 -4.74 2.58 -13.83
C GLN B 391 -4.78 3.42 -12.56
N LEU B 392 -3.93 4.45 -12.52
CA LEU B 392 -3.83 5.38 -11.39
C LEU B 392 -5.13 6.09 -11.04
N PRO B 393 -5.94 6.53 -12.05
CA PRO B 393 -7.23 7.13 -11.71
C PRO B 393 -8.24 6.18 -11.08
N PHE B 394 -7.96 4.87 -11.14
CA PHE B 394 -8.86 3.87 -10.59
C PHE B 394 -8.25 3.15 -9.38
N VAL B 395 -7.34 3.83 -8.68
CA VAL B 395 -6.69 3.30 -7.48
C VAL B 395 -7.43 3.76 -6.22
N GLY B 396 -7.83 2.80 -5.39
CA GLY B 396 -8.57 3.09 -4.17
C GLY B 396 -10.07 3.01 -4.36
N PHE B 397 -10.48 2.40 -5.48
CA PHE B 397 -11.89 2.22 -5.80
C PHE B 397 -12.46 0.96 -5.13
N THR B 398 -11.59 -0.01 -4.86
CA THR B 398 -12.00 -1.28 -4.25
C THR B 398 -12.58 -1.08 -2.84
N TYR B 399 -13.75 -1.65 -2.62
CA TYR B 399 -14.47 -1.53 -1.36
C TYR B 399 -15.15 -2.84 -0.98
N TYR B 400 -14.95 -3.26 0.27
CA TYR B 400 -15.62 -4.42 0.84
C TYR B 400 -16.50 -4.03 2.02
N SER B 401 -17.40 -4.94 2.41
CA SER B 401 -18.29 -4.73 3.56
C SER B 401 -18.18 -5.87 4.57
N ASN B 402 -18.44 -5.55 5.83
CA ASN B 402 -18.41 -6.54 6.91
C ASN B 402 -19.78 -7.15 7.16
#